data_3CJO
#
_entry.id   3CJO
#
_cell.length_a   68.758
_cell.length_b   79.374
_cell.length_c   158.853
_cell.angle_alpha   90.00
_cell.angle_beta   90.00
_cell.angle_gamma   90.00
#
_symmetry.space_group_name_H-M   'P 21 21 21'
#
loop_
_entity.id
_entity.type
_entity.pdbx_description
1 polymer 'Kinesin-like protein KIF11'
2 non-polymer 'MAGNESIUM ION'
3 non-polymer "ADENOSINE-5'-DIPHOSPHATE"
4 non-polymer (2S)-4-(2,5-difluorophenyl)-N-[(3R,4S)-3-fluoro-1-methylpiperidin-4-yl]-2-(hydroxymethyl)-N-methyl-2-phenyl-2,5-dihydro-1H-pyrrole-1-carboxamide
5 water water
#
_entity_poly.entity_id   1
_entity_poly.type   'polypeptide(L)'
_entity_poly.pdbx_seq_one_letter_code
;ASQPNSSAKKKEEKGKNIQVVVRCRPFNLAERKASAHSIVECDPVRKEVSVRTGGLADKSSRKTYTFDMVFGASTKQIDV
YRSVVCPILDEVIMGYNCTIFAYGQTGTGKTFTMEGERSPNEEYTWEEDPLAGIIPRTLHQIFEKLTDNGTEFSVKVSLL
EIYNEELFDLLNPSSDVSERLQMFDDPRNKRGVIIKGLEEITVHNKDEVYQILEKGAAKRTTAATLMNAYSSRSHSVFSV
TIHMKETTIDGEELVKIGKLNLVDLAGSENIGRSGAVDKRAREAGNINQSLLTLGRVITALVERTPHVPYRESKLTRILQ
DSLGGRTRTSIIATISPASLNLEETLSTLEYAHRAKNILNKPEVNQK
;
_entity_poly.pdbx_strand_id   A,B
#
# COMPACT_ATOMS: atom_id res chain seq x y z
N ASN A 17 6.05 -24.58 -5.36
CA ASN A 17 6.58 -25.04 -4.07
C ASN A 17 5.68 -24.81 -2.83
N ILE A 18 5.33 -23.56 -2.53
CA ILE A 18 4.41 -23.25 -1.42
C ILE A 18 3.17 -24.12 -1.57
N GLN A 19 2.80 -24.85 -0.52
CA GLN A 19 1.64 -25.73 -0.54
C GLN A 19 0.39 -25.05 -0.05
N VAL A 20 -0.71 -25.22 -0.76
CA VAL A 20 -1.96 -24.55 -0.45
C VAL A 20 -3.05 -25.57 -0.38
N VAL A 21 -3.69 -25.68 0.78
CA VAL A 21 -4.77 -26.61 0.98
C VAL A 21 -6.00 -25.78 1.20
N VAL A 22 -7.16 -26.33 0.85
CA VAL A 22 -8.42 -25.65 1.10
C VAL A 22 -9.22 -26.44 2.09
N ARG A 23 -9.83 -25.74 3.06
CA ARG A 23 -10.72 -26.40 4.04
C ARG A 23 -12.12 -25.73 3.98
N CYS A 24 -13.15 -26.48 3.61
CA CYS A 24 -14.48 -25.91 3.61
C CYS A 24 -15.10 -26.26 4.96
N ARG A 25 -15.95 -25.41 5.51
CA ARG A 25 -16.52 -25.72 6.82
C ARG A 25 -17.96 -26.16 6.67
N PRO A 26 -18.52 -26.76 7.73
CA PRO A 26 -19.93 -27.12 7.70
C PRO A 26 -20.87 -25.94 7.95
N PHE A 27 -22.10 -26.10 7.49
CA PHE A 27 -23.19 -25.17 7.75
C PHE A 27 -23.45 -25.19 9.28
N ASN A 28 -23.85 -24.05 9.85
CA ASN A 28 -24.15 -23.96 11.29
C ASN A 28 -25.62 -24.30 11.54
N LEU A 29 -26.06 -24.17 12.80
CA LEU A 29 -27.46 -24.47 13.15
C LEU A 29 -28.44 -23.53 12.39
N ALA A 30 -28.05 -22.27 12.27
CA ALA A 30 -28.84 -21.25 11.57
C ALA A 30 -28.99 -21.58 10.09
N GLU A 31 -28.06 -22.37 9.58
CA GLU A 31 -28.06 -22.75 8.18
C GLU A 31 -28.74 -24.10 7.95
N ARG A 32 -28.61 -25.00 8.91
CA ARG A 32 -29.23 -26.31 8.84
C ARG A 32 -30.75 -26.19 9.00
N LYS A 33 -31.18 -25.44 10.02
CA LYS A 33 -32.60 -25.21 10.31
C LYS A 33 -33.25 -24.26 9.29
N ALA A 34 -32.40 -23.55 8.54
CA ALA A 34 -32.86 -22.64 7.51
C ALA A 34 -32.69 -23.32 6.18
N SER A 35 -32.56 -24.64 6.24
CA SER A 35 -32.38 -25.48 5.05
C SER A 35 -31.38 -24.86 4.06
N ALA A 36 -30.09 -25.01 4.36
CA ALA A 36 -29.05 -24.43 3.52
C ALA A 36 -28.49 -25.37 2.45
N HIS A 37 -28.37 -24.82 1.24
CA HIS A 37 -27.93 -25.54 0.06
C HIS A 37 -26.48 -25.11 -0.30
N SER A 38 -25.54 -25.99 0.00
CA SER A 38 -24.14 -25.75 -0.26
C SER A 38 -23.87 -25.43 -1.71
N ILE A 39 -23.29 -24.27 -1.96
CA ILE A 39 -22.92 -23.89 -3.33
C ILE A 39 -21.49 -24.38 -3.55
N VAL A 40 -20.95 -25.05 -2.52
CA VAL A 40 -19.62 -25.65 -2.57
C VAL A 40 -19.59 -27.20 -2.58
N GLU A 41 -18.60 -27.73 -3.30
CA GLU A 41 -18.39 -29.18 -3.38
C GLU A 41 -16.88 -29.49 -3.42
N CYS A 42 -16.48 -30.48 -2.62
CA CYS A 42 -15.05 -30.84 -2.51
C CYS A 42 -14.74 -32.27 -2.95
N ASP A 43 -13.62 -32.42 -3.66
CA ASP A 43 -13.17 -33.74 -4.12
C ASP A 43 -11.79 -34.03 -3.59
N PRO A 44 -11.67 -34.51 -2.35
CA PRO A 44 -10.30 -34.74 -1.90
C PRO A 44 -9.38 -35.52 -2.84
N VAL A 45 -9.87 -36.63 -3.35
CA VAL A 45 -9.05 -37.48 -4.18
C VAL A 45 -8.63 -36.84 -5.51
N ARG A 46 -9.47 -35.92 -5.96
CA ARG A 46 -9.23 -35.16 -7.16
C ARG A 46 -8.58 -33.83 -6.75
N LYS A 47 -8.45 -33.62 -5.44
CA LYS A 47 -7.86 -32.36 -4.90
C LYS A 47 -8.55 -31.18 -5.57
N GLU A 48 -9.86 -31.27 -5.77
CA GLU A 48 -10.55 -30.20 -6.46
C GLU A 48 -11.69 -29.63 -5.64
N VAL A 49 -12.01 -28.37 -5.90
CA VAL A 49 -13.13 -27.70 -5.24
C VAL A 49 -13.96 -27.04 -6.33
N SER A 50 -15.27 -27.23 -6.26
CA SER A 50 -16.20 -26.65 -7.25
C SER A 50 -17.16 -25.71 -6.56
N VAL A 51 -17.34 -24.55 -7.17
CA VAL A 51 -18.25 -23.54 -6.67
C VAL A 51 -19.28 -23.20 -7.75
N ARG A 52 -20.56 -23.28 -7.38
CA ARG A 52 -21.64 -22.93 -8.29
C ARG A 52 -21.82 -21.43 -8.20
N THR A 53 -21.50 -20.78 -9.31
CA THR A 53 -21.49 -19.34 -9.46
C THR A 53 -22.84 -18.77 -9.85
N GLY A 54 -23.82 -19.65 -9.98
CA GLY A 54 -25.17 -19.22 -10.29
C GLY A 54 -26.09 -20.37 -10.66
N GLY A 55 -27.41 -20.10 -10.56
CA GLY A 55 -28.46 -21.02 -10.96
C GLY A 55 -28.98 -22.03 -9.96
N LEU A 56 -29.35 -23.20 -10.47
CA LEU A 56 -29.95 -24.25 -9.65
C LEU A 56 -29.05 -25.45 -9.43
N ALA A 57 -29.52 -26.39 -8.61
CA ALA A 57 -28.82 -27.66 -8.36
C ALA A 57 -29.26 -28.59 -9.50
N ASP A 58 -30.29 -28.13 -10.21
CA ASP A 58 -30.92 -28.83 -11.32
C ASP A 58 -30.10 -28.56 -12.59
N LYS A 59 -29.59 -27.33 -12.68
CA LYS A 59 -28.78 -26.83 -13.78
C LYS A 59 -27.97 -25.63 -13.26
N SER A 60 -26.69 -25.53 -13.63
CA SER A 60 -25.88 -24.45 -13.09
C SER A 60 -24.50 -24.23 -13.67
N SER A 61 -24.04 -22.99 -13.49
CA SER A 61 -22.70 -22.62 -13.85
C SER A 61 -21.82 -22.84 -12.60
N ARG A 62 -20.64 -23.41 -12.82
CA ARG A 62 -19.72 -23.76 -11.73
C ARG A 62 -18.32 -23.26 -12.04
N LYS A 63 -17.53 -22.99 -11.01
CA LYS A 63 -16.14 -22.60 -11.23
C LYS A 63 -15.33 -23.68 -10.51
N THR A 64 -14.32 -24.23 -11.18
CA THR A 64 -13.48 -25.25 -10.57
C THR A 64 -12.00 -24.83 -10.28
N TYR A 65 -11.43 -25.33 -9.18
CA TYR A 65 -10.01 -25.11 -8.80
C TYR A 65 -9.33 -26.33 -8.22
N THR A 66 -8.03 -26.46 -8.50
CA THR A 66 -7.26 -27.61 -8.04
C THR A 66 -6.16 -27.16 -7.11
N PHE A 67 -6.14 -27.73 -5.90
CA PHE A 67 -5.13 -27.37 -4.91
C PHE A 67 -4.23 -28.53 -4.54
N ASP A 68 -3.39 -28.30 -3.56
CA ASP A 68 -2.47 -29.35 -3.12
C ASP A 68 -3.18 -30.40 -2.22
N MET A 69 -4.29 -29.98 -1.64
CA MET A 69 -5.16 -30.83 -0.81
C MET A 69 -6.46 -30.04 -0.65
N VAL A 70 -7.56 -30.76 -0.46
CA VAL A 70 -8.87 -30.18 -0.23
C VAL A 70 -9.54 -31.02 0.86
N PHE A 71 -10.17 -30.34 1.81
CA PHE A 71 -10.88 -30.94 2.92
C PHE A 71 -12.31 -30.36 2.92
N GLY A 72 -13.30 -31.23 2.86
CA GLY A 72 -14.70 -30.85 2.80
C GLY A 72 -15.22 -30.71 4.21
N ALA A 73 -16.45 -30.23 4.35
CA ALA A 73 -17.12 -29.97 5.62
C ALA A 73 -16.99 -31.08 6.62
N SER A 74 -16.91 -32.30 6.12
CA SER A 74 -16.77 -33.47 7.02
C SER A 74 -15.41 -33.63 7.69
N THR A 75 -14.41 -32.87 7.24
CA THR A 75 -13.07 -33.01 7.77
C THR A 75 -13.02 -32.66 9.24
N LYS A 76 -12.35 -33.49 10.05
CA LYS A 76 -12.24 -33.22 11.47
C LYS A 76 -10.87 -32.64 11.75
N GLN A 77 -10.59 -32.20 12.98
CA GLN A 77 -9.29 -31.63 13.32
C GLN A 77 -8.15 -32.62 13.16
N ILE A 78 -8.41 -33.82 13.61
CA ILE A 78 -7.43 -34.91 13.56
C ILE A 78 -6.98 -35.17 12.15
N ASP A 79 -7.93 -35.05 11.22
CA ASP A 79 -7.71 -35.21 9.78
C ASP A 79 -6.72 -34.19 9.25
N VAL A 80 -7.00 -32.92 9.53
CA VAL A 80 -6.12 -31.84 9.14
C VAL A 80 -4.72 -32.05 9.83
N TYR A 81 -4.70 -32.40 11.11
CA TYR A 81 -3.42 -32.52 11.80
C TYR A 81 -2.48 -33.60 11.31
N ARG A 82 -3.06 -34.72 10.92
CA ARG A 82 -2.31 -35.87 10.46
C ARG A 82 -1.91 -35.64 9.03
N SER A 83 -2.80 -34.99 8.28
CA SER A 83 -2.54 -34.82 6.87
C SER A 83 -1.62 -33.69 6.51
N VAL A 84 -1.71 -32.61 7.27
CA VAL A 84 -0.88 -31.49 6.96
C VAL A 84 0.18 -31.11 7.96
N VAL A 85 -0.16 -31.07 9.25
CA VAL A 85 0.75 -30.63 10.30
C VAL A 85 1.85 -31.58 10.73
N CYS A 86 1.53 -32.86 10.82
CA CYS A 86 2.51 -33.84 11.30
C CYS A 86 3.72 -33.89 10.37
N PRO A 87 3.47 -33.78 9.08
CA PRO A 87 4.65 -33.82 8.22
C PRO A 87 5.50 -32.57 8.33
N ILE A 88 4.85 -31.42 8.55
CA ILE A 88 5.53 -30.15 8.72
C ILE A 88 6.28 -30.11 10.02
N LEU A 89 5.73 -30.68 11.09
CA LEU A 89 6.41 -30.72 12.39
C LEU A 89 7.66 -31.57 12.31
N ASP A 90 7.63 -32.64 11.53
CA ASP A 90 8.80 -33.54 11.43
C ASP A 90 9.92 -32.79 10.77
N GLU A 91 9.56 -31.92 9.83
CA GLU A 91 10.56 -31.06 9.17
C GLU A 91 11.13 -30.05 10.14
N VAL A 92 10.28 -29.43 10.93
CA VAL A 92 10.76 -28.47 11.93
C VAL A 92 11.70 -29.26 12.86
N ILE A 93 11.27 -30.44 13.29
CA ILE A 93 12.04 -31.26 14.21
C ILE A 93 13.34 -31.74 13.57
N MET A 94 13.47 -31.52 12.27
CA MET A 94 14.69 -31.90 11.54
C MET A 94 15.66 -30.73 11.51
N GLY A 95 15.27 -29.60 12.11
CA GLY A 95 16.09 -28.41 12.20
C GLY A 95 15.69 -27.40 11.14
N TYR A 96 14.44 -27.52 10.72
CA TYR A 96 13.92 -26.68 9.66
C TYR A 96 13.01 -25.55 10.17
N ASN A 97 12.81 -24.55 9.32
CA ASN A 97 11.91 -23.46 9.65
C ASN A 97 10.68 -23.70 8.81
N CYS A 98 9.52 -23.69 9.44
CA CYS A 98 8.26 -23.86 8.70
C CYS A 98 7.26 -22.85 9.18
N THR A 99 6.31 -22.54 8.31
CA THR A 99 5.25 -21.57 8.56
C THR A 99 3.95 -22.08 7.96
N ILE A 100 2.84 -21.91 8.66
CA ILE A 100 1.56 -22.32 8.08
C ILE A 100 0.64 -21.10 8.28
N PHE A 101 -0.14 -20.72 7.27
CA PHE A 101 -1.05 -19.55 7.38
C PHE A 101 -2.48 -20.04 7.28
N ALA A 102 -3.40 -19.34 7.94
CA ALA A 102 -4.82 -19.65 7.71
C ALA A 102 -5.34 -18.35 7.07
N TYR A 103 -5.88 -18.48 5.88
CA TYR A 103 -6.36 -17.35 5.10
C TYR A 103 -7.81 -17.64 4.75
N GLY A 104 -8.63 -16.59 4.68
CA GLY A 104 -10.04 -16.71 4.38
C GLY A 104 -10.90 -15.62 5.01
N GLN A 105 -12.19 -15.58 4.71
CA GLN A 105 -13.04 -14.52 5.22
C GLN A 105 -13.42 -14.82 6.64
N THR A 106 -13.85 -13.80 7.36
CA THR A 106 -14.27 -13.99 8.75
C THR A 106 -15.46 -14.95 8.82
N GLY A 107 -15.42 -15.89 9.73
CA GLY A 107 -16.54 -16.83 9.85
C GLY A 107 -16.34 -18.13 9.14
N THR A 108 -15.21 -18.22 8.44
CA THR A 108 -14.88 -19.41 7.68
C THR A 108 -14.07 -20.51 8.38
N GLY A 109 -13.43 -20.21 9.52
CA GLY A 109 -12.70 -21.22 10.26
C GLY A 109 -11.19 -21.08 10.39
N LYS A 110 -10.69 -19.86 10.30
CA LYS A 110 -9.24 -19.59 10.45
C LYS A 110 -8.74 -19.93 11.85
N THR A 111 -9.37 -19.31 12.85
CA THR A 111 -9.09 -19.54 14.28
C THR A 111 -9.42 -21.01 14.65
N PHE A 112 -10.52 -21.53 14.10
CA PHE A 112 -10.95 -22.88 14.38
C PHE A 112 -9.88 -23.87 13.94
N THR A 113 -9.40 -23.68 12.72
CA THR A 113 -8.35 -24.52 12.23
C THR A 113 -7.06 -24.38 13.06
N MET A 114 -6.64 -23.14 13.35
CA MET A 114 -5.39 -22.89 14.10
C MET A 114 -5.33 -23.15 15.60
N GLU A 115 -6.43 -22.90 16.29
CA GLU A 115 -6.49 -23.07 17.72
C GLU A 115 -7.54 -24.11 18.14
N GLY A 116 -8.60 -24.20 17.35
CA GLY A 116 -9.72 -25.08 17.59
C GLY A 116 -10.63 -24.49 18.64
N GLU A 117 -11.25 -25.37 19.39
CA GLU A 117 -12.21 -24.94 20.39
C GLU A 117 -12.24 -25.98 21.51
N ARG A 118 -13.20 -25.86 22.43
CA ARG A 118 -13.39 -26.89 23.47
C ARG A 118 -14.73 -27.61 23.27
N SER A 119 -14.72 -28.90 23.51
CA SER A 119 -15.98 -29.64 23.45
C SER A 119 -16.84 -29.18 24.64
N PRO A 120 -18.16 -29.09 24.44
CA PRO A 120 -19.08 -28.61 25.44
C PRO A 120 -19.14 -29.46 26.75
N ASN A 121 -19.62 -28.82 27.81
CA ASN A 121 -19.87 -29.50 29.07
C ASN A 121 -18.64 -30.15 29.69
N GLU A 122 -17.50 -29.49 29.56
CA GLU A 122 -16.26 -29.98 30.19
C GLU A 122 -16.06 -31.44 29.94
N GLU A 123 -16.46 -31.87 28.76
CA GLU A 123 -16.39 -33.28 28.34
C GLU A 123 -15.00 -33.88 28.30
N TYR A 124 -14.00 -33.12 27.85
CA TYR A 124 -12.62 -33.63 27.68
C TYR A 124 -11.52 -32.81 28.36
N THR A 125 -10.33 -33.36 28.27
CA THR A 125 -9.12 -32.74 28.77
C THR A 125 -8.58 -32.10 27.54
N TRP A 126 -7.77 -31.06 27.73
CA TRP A 126 -7.22 -30.36 26.60
C TRP A 126 -6.40 -31.23 25.64
N GLU A 127 -5.84 -32.31 26.17
CA GLU A 127 -5.05 -33.23 25.34
C GLU A 127 -5.92 -34.18 24.51
N GLU A 128 -7.17 -34.33 24.93
CA GLU A 128 -8.11 -35.26 24.28
C GLU A 128 -9.17 -34.56 23.46
N ASP A 129 -9.36 -33.26 23.69
CA ASP A 129 -10.40 -32.58 22.96
C ASP A 129 -10.29 -32.76 21.45
N PRO A 130 -11.32 -33.41 20.85
CA PRO A 130 -11.34 -33.63 19.41
C PRO A 130 -11.41 -32.30 18.69
N LEU A 131 -11.75 -31.27 19.44
CA LEU A 131 -11.95 -29.92 18.88
C LEU A 131 -10.68 -29.04 18.84
N ALA A 132 -9.69 -29.43 19.64
CA ALA A 132 -8.35 -28.79 19.59
C ALA A 132 -7.87 -28.61 18.11
N GLY A 133 -7.20 -27.49 17.82
CA GLY A 133 -6.70 -27.19 16.49
C GLY A 133 -5.19 -27.38 16.43
N ILE A 134 -4.57 -26.82 15.38
CA ILE A 134 -3.14 -26.97 15.14
C ILE A 134 -2.23 -26.59 16.29
N ILE A 135 -2.39 -25.37 16.82
CA ILE A 135 -1.49 -24.88 17.88
C ILE A 135 -1.34 -25.75 19.12
N PRO A 136 -2.46 -26.21 19.69
CA PRO A 136 -2.51 -27.07 20.89
C PRO A 136 -2.04 -28.47 20.55
N ARG A 137 -2.52 -29.02 19.44
CA ARG A 137 -2.09 -30.37 19.09
C ARG A 137 -0.57 -30.40 18.91
N THR A 138 -0.08 -29.43 18.16
CA THR A 138 1.35 -29.32 17.86
C THR A 138 2.21 -29.27 19.14
N LEU A 139 1.87 -28.37 20.05
CA LEU A 139 2.64 -28.20 21.27
C LEU A 139 2.64 -29.46 22.12
N HIS A 140 1.50 -30.14 22.13
CA HIS A 140 1.36 -31.41 22.86
C HIS A 140 2.19 -32.49 22.15
N GLN A 141 2.26 -32.44 20.84
CA GLN A 141 3.00 -33.48 20.13
C GLN A 141 4.51 -33.36 20.25
N ILE A 142 5.00 -32.14 20.31
CA ILE A 142 6.42 -31.88 20.44
C ILE A 142 6.94 -32.64 21.65
N PHE A 143 6.26 -32.45 22.78
CA PHE A 143 6.58 -33.09 24.07
C PHE A 143 6.39 -34.61 23.96
N GLU A 144 5.46 -35.05 23.14
CA GLU A 144 5.32 -36.47 22.89
C GLU A 144 6.56 -36.90 22.12
N LYS A 145 6.51 -36.81 20.80
CA LYS A 145 7.63 -37.22 19.97
C LYS A 145 9.09 -37.01 20.48
N LEU A 146 9.33 -36.07 21.37
CA LEU A 146 10.71 -35.82 21.82
C LEU A 146 11.05 -36.46 23.18
N THR A 147 10.11 -36.39 24.12
CA THR A 147 10.22 -36.97 25.45
C THR A 147 10.56 -38.45 25.41
N ASP A 148 9.75 -39.21 24.69
CA ASP A 148 9.95 -40.65 24.55
C ASP A 148 11.39 -40.86 24.09
N ASN A 149 11.65 -40.52 22.83
CA ASN A 149 12.99 -40.58 22.27
C ASN A 149 14.04 -39.95 23.20
N GLY A 150 15.31 -40.19 22.90
CA GLY A 150 16.40 -39.69 23.73
C GLY A 150 16.87 -38.30 23.35
N THR A 151 15.95 -37.35 23.40
CA THR A 151 16.27 -35.98 23.00
C THR A 151 16.28 -35.00 24.16
N GLU A 152 17.28 -34.14 24.15
CA GLU A 152 17.39 -33.06 25.11
C GLU A 152 16.79 -31.92 24.29
N PHE A 153 16.01 -31.04 24.93
CA PHE A 153 15.37 -29.98 24.15
C PHE A 153 14.58 -28.98 24.97
N SER A 154 14.61 -27.73 24.53
CA SER A 154 13.81 -26.70 25.16
C SER A 154 12.80 -26.28 24.12
N VAL A 155 11.68 -25.73 24.58
CA VAL A 155 10.62 -25.29 23.70
C VAL A 155 10.22 -23.90 24.11
N LYS A 156 10.31 -22.95 23.16
CA LYS A 156 9.94 -21.56 23.44
C LYS A 156 8.80 -21.15 22.52
N VAL A 157 7.86 -20.39 23.07
CA VAL A 157 6.73 -19.87 22.30
C VAL A 157 6.61 -18.36 22.49
N SER A 158 6.14 -17.69 21.45
CA SER A 158 5.86 -16.27 21.51
C SER A 158 4.59 -16.07 20.69
N LEU A 159 3.86 -14.99 20.95
CA LEU A 159 2.59 -14.75 20.32
C LEU A 159 2.54 -13.27 20.01
N LEU A 160 2.79 -12.99 18.73
CA LEU A 160 2.96 -11.64 18.25
C LEU A 160 1.82 -11.30 17.37
N GLU A 161 1.00 -10.33 17.78
CA GLU A 161 -0.13 -9.92 16.95
C GLU A 161 -0.10 -8.51 16.39
N ILE A 162 -0.57 -8.38 15.13
CA ILE A 162 -0.58 -7.10 14.43
C ILE A 162 -1.97 -6.52 14.24
N TYR A 163 -2.16 -5.29 14.76
CA TYR A 163 -3.40 -4.53 14.59
C TYR A 163 -3.04 -3.09 14.23
N ASN A 164 -3.60 -2.63 13.12
CA ASN A 164 -3.31 -1.30 12.60
C ASN A 164 -1.83 -0.95 12.54
N GLU A 165 -1.02 -1.90 12.08
CA GLU A 165 0.42 -1.75 11.89
C GLU A 165 1.19 -1.53 13.18
N GLU A 166 0.62 -2.04 14.27
CA GLU A 166 1.27 -2.01 15.56
C GLU A 166 1.48 -3.42 16.04
N LEU A 167 2.44 -3.57 16.93
CA LEU A 167 2.78 -4.88 17.40
C LEU A 167 2.41 -5.07 18.83
N PHE A 168 1.84 -6.23 19.13
CA PHE A 168 1.45 -6.53 20.50
C PHE A 168 1.98 -7.91 20.91
N ASP A 169 2.26 -8.08 22.19
CA ASP A 169 2.75 -9.32 22.78
C ASP A 169 1.58 -9.83 23.59
N LEU A 170 0.97 -10.94 23.17
CA LEU A 170 -0.19 -11.51 23.85
C LEU A 170 0.18 -12.56 24.90
N LEU A 171 1.45 -12.60 25.30
CA LEU A 171 1.88 -13.59 26.30
C LEU A 171 2.61 -13.01 27.50
N ASN A 172 2.94 -11.74 27.44
CA ASN A 172 3.67 -11.09 28.53
C ASN A 172 2.73 -10.70 29.67
N PRO A 173 2.87 -11.38 30.83
CA PRO A 173 2.01 -11.08 31.98
C PRO A 173 2.47 -9.90 32.82
N SER A 174 3.65 -9.36 32.52
CA SER A 174 4.19 -8.22 33.27
C SER A 174 3.80 -6.88 32.63
N SER A 175 3.32 -6.92 31.39
CA SER A 175 2.87 -5.73 30.68
C SER A 175 1.42 -5.92 30.24
N ASP A 176 0.72 -4.83 29.96
CA ASP A 176 -0.63 -4.93 29.43
C ASP A 176 -0.64 -4.67 27.90
N VAL A 177 -1.60 -5.27 27.19
CA VAL A 177 -1.68 -5.17 25.74
C VAL A 177 -1.39 -3.82 25.09
N SER A 178 -2.04 -2.75 25.55
CA SER A 178 -1.86 -1.40 25.01
C SER A 178 -0.42 -0.96 24.79
N GLU A 179 0.53 -1.77 25.25
CA GLU A 179 1.94 -1.47 25.06
C GLU A 179 2.40 -2.07 23.76
N ARG A 180 2.50 -1.26 22.71
CA ARG A 180 2.95 -1.79 21.43
C ARG A 180 4.48 -1.92 21.41
N LEU A 181 5.00 -2.90 20.66
CA LEU A 181 6.44 -3.17 20.54
C LEU A 181 7.00 -2.46 19.35
N GLN A 182 8.33 -2.31 19.35
CA GLN A 182 9.04 -1.66 18.24
C GLN A 182 9.78 -2.75 17.48
N MET A 183 9.81 -2.61 16.17
CA MET A 183 10.42 -3.57 15.31
C MET A 183 11.56 -2.84 14.63
N PHE A 184 12.68 -3.54 14.50
CA PHE A 184 13.82 -2.98 13.81
C PHE A 184 14.33 -4.08 12.90
N ASP A 185 15.28 -3.76 12.06
CA ASP A 185 15.89 -4.76 11.22
C ASP A 185 17.03 -5.42 11.99
N ASP A 186 17.37 -6.62 11.57
CA ASP A 186 18.40 -7.39 12.22
C ASP A 186 19.70 -7.14 11.51
N PRO A 187 20.63 -6.46 12.17
CA PRO A 187 21.94 -6.14 11.58
C PRO A 187 22.72 -7.39 11.26
N ARG A 188 22.46 -8.45 12.03
CA ARG A 188 23.14 -9.73 11.78
C ARG A 188 22.60 -10.35 10.49
N ASN A 189 21.52 -11.12 10.62
CA ASN A 189 20.93 -11.74 9.44
C ASN A 189 19.93 -10.86 8.65
N LYS A 190 20.31 -10.54 7.41
CA LYS A 190 19.49 -9.76 6.49
C LYS A 190 18.13 -10.44 6.33
N ARG A 191 17.15 -9.69 5.80
CA ARG A 191 15.80 -10.20 5.57
C ARG A 191 15.04 -10.71 6.81
N GLY A 192 15.51 -10.32 7.99
CA GLY A 192 14.90 -10.65 9.28
C GLY A 192 14.79 -9.41 10.18
N VAL A 193 13.88 -9.44 11.15
CA VAL A 193 13.69 -8.30 12.04
C VAL A 193 13.99 -8.69 13.46
N ILE A 194 14.14 -7.66 14.31
CA ILE A 194 14.27 -7.85 15.75
C ILE A 194 13.08 -7.08 16.30
N ILE A 195 12.29 -7.75 17.12
CA ILE A 195 11.15 -7.11 17.75
C ILE A 195 11.54 -6.97 19.20
N LYS A 196 11.70 -5.70 19.55
CA LYS A 196 12.13 -5.25 20.83
C LYS A 196 11.09 -5.46 21.92
N GLY A 197 11.41 -6.32 22.89
CA GLY A 197 10.54 -6.53 24.04
C GLY A 197 9.57 -7.69 23.95
N LEU A 198 9.59 -8.37 22.81
CA LEU A 198 8.73 -9.53 22.57
C LEU A 198 9.16 -10.66 23.50
N GLU A 199 8.21 -11.19 24.26
CA GLU A 199 8.43 -12.30 25.17
C GLU A 199 8.48 -13.63 24.43
N GLU A 200 9.41 -14.46 24.90
CA GLU A 200 9.67 -15.80 24.46
C GLU A 200 9.56 -16.62 25.74
N ILE A 201 8.49 -17.39 25.84
CA ILE A 201 8.26 -18.18 27.05
C ILE A 201 8.68 -19.65 26.91
N THR A 202 9.37 -20.15 27.93
CA THR A 202 9.81 -21.55 27.92
C THR A 202 8.68 -22.46 28.37
N VAL A 203 8.40 -23.50 27.59
CA VAL A 203 7.33 -24.44 27.96
C VAL A 203 8.05 -25.63 28.57
N HIS A 204 8.11 -25.64 29.92
CA HIS A 204 8.87 -26.64 30.65
C HIS A 204 8.35 -28.07 30.50
N ASN A 205 7.03 -28.21 30.43
CA ASN A 205 6.42 -29.53 30.22
C ASN A 205 5.08 -29.31 29.53
N LYS A 206 4.46 -30.42 29.16
CA LYS A 206 3.14 -30.42 28.55
C LYS A 206 2.08 -29.75 29.41
N ASP A 207 2.21 -29.86 30.73
CA ASP A 207 1.23 -29.26 31.64
C ASP A 207 1.58 -27.78 31.87
N GLU A 208 2.13 -27.15 30.85
CA GLU A 208 2.51 -25.75 30.92
C GLU A 208 1.98 -25.08 29.67
N VAL A 209 1.57 -25.92 28.72
CA VAL A 209 1.06 -25.50 27.43
C VAL A 209 -0.25 -24.78 27.70
N TYR A 210 -1.19 -25.54 28.23
CA TYR A 210 -2.52 -25.06 28.53
C TYR A 210 -2.60 -23.69 29.18
N GLN A 211 -1.87 -23.50 30.28
CA GLN A 211 -1.88 -22.21 31.02
C GLN A 211 -1.28 -21.08 30.20
N ILE A 212 -0.26 -21.38 29.38
CA ILE A 212 0.23 -20.37 28.45
C ILE A 212 -0.92 -19.88 27.52
N LEU A 213 -1.64 -20.80 26.89
CA LEU A 213 -2.75 -20.46 26.01
C LEU A 213 -3.93 -19.83 26.77
N GLU A 214 -4.06 -20.19 28.03
CA GLU A 214 -5.07 -19.60 28.93
C GLU A 214 -4.76 -18.12 29.12
N LYS A 215 -3.50 -17.82 29.39
CA LYS A 215 -3.03 -16.44 29.51
C LYS A 215 -3.18 -15.66 28.17
N GLY A 216 -2.76 -16.23 27.06
CA GLY A 216 -2.89 -15.55 25.77
C GLY A 216 -4.36 -15.22 25.50
N ALA A 217 -5.24 -16.18 25.78
CA ALA A 217 -6.67 -16.05 25.57
C ALA A 217 -7.18 -14.88 26.38
N ALA A 218 -6.76 -14.85 27.65
CA ALA A 218 -7.16 -13.79 28.59
C ALA A 218 -6.80 -12.42 28.09
N LYS A 219 -5.54 -12.24 27.70
CA LYS A 219 -5.01 -10.98 27.15
C LYS A 219 -5.75 -10.63 25.84
N ARG A 220 -6.02 -11.63 25.03
CA ARG A 220 -6.75 -11.40 23.80
C ARG A 220 -8.09 -10.66 24.05
N THR A 221 -8.70 -10.97 25.18
CA THR A 221 -9.95 -10.41 25.60
C THR A 221 -9.86 -8.91 25.83
N THR A 222 -8.78 -8.49 26.47
CA THR A 222 -8.52 -7.09 26.75
C THR A 222 -8.17 -6.36 25.47
N ALA A 223 -7.31 -6.99 24.66
CA ALA A 223 -6.94 -6.44 23.34
C ALA A 223 -8.23 -6.16 22.56
N ALA A 224 -9.14 -7.13 22.61
CA ALA A 224 -10.42 -7.04 21.96
C ALA A 224 -11.24 -5.86 22.46
N THR A 225 -11.16 -5.57 23.75
CA THR A 225 -11.96 -4.42 24.22
C THR A 225 -11.30 -3.10 23.88
N LEU A 226 -9.97 -3.08 23.85
CA LEU A 226 -9.19 -1.86 23.49
C LEU A 226 -9.25 -1.51 22.03
N MET A 227 -9.43 -2.51 21.17
CA MET A 227 -9.41 -2.30 19.70
C MET A 227 -10.65 -2.85 19.01
N ASN A 228 -11.17 -2.10 18.06
CA ASN A 228 -12.40 -2.45 17.30
C ASN A 228 -12.21 -3.64 16.37
N ALA A 229 -13.18 -4.54 16.36
CA ALA A 229 -13.13 -5.76 15.53
C ALA A 229 -11.77 -6.44 15.65
N TYR A 230 -11.24 -6.48 16.84
CA TYR A 230 -9.91 -7.02 17.01
C TYR A 230 -9.66 -8.38 16.40
N SER A 231 -10.54 -9.32 16.74
CA SER A 231 -10.39 -10.71 16.30
C SER A 231 -10.48 -10.81 14.81
N SER A 232 -11.25 -9.91 14.21
CA SER A 232 -11.34 -9.92 12.74
C SER A 232 -10.18 -9.20 12.05
N ARG A 233 -9.69 -8.12 12.63
CA ARG A 233 -8.70 -7.27 11.93
C ARG A 233 -7.24 -7.51 12.21
N SER A 234 -6.95 -8.32 13.21
CA SER A 234 -5.57 -8.60 13.60
C SER A 234 -5.02 -9.86 12.94
N HIS A 235 -3.70 -9.89 12.81
CA HIS A 235 -2.95 -11.06 12.33
C HIS A 235 -2.22 -11.56 13.56
N SER A 236 -2.25 -12.86 13.85
CA SER A 236 -1.54 -13.35 15.04
C SER A 236 -0.46 -14.34 14.63
N VAL A 237 0.70 -14.20 15.22
CA VAL A 237 1.81 -15.08 14.90
C VAL A 237 2.24 -15.79 16.17
N PHE A 238 1.99 -17.08 16.22
CA PHE A 238 2.33 -17.88 17.37
C PHE A 238 3.54 -18.71 16.98
N SER A 239 4.68 -18.50 17.63
CA SER A 239 5.87 -19.23 17.19
C SER A 239 6.37 -20.16 18.24
N VAL A 240 6.78 -21.34 17.81
CA VAL A 240 7.39 -22.32 18.71
C VAL A 240 8.76 -22.63 18.13
N THR A 241 9.77 -22.33 18.92
CA THR A 241 11.14 -22.59 18.51
C THR A 241 11.64 -23.80 19.29
N ILE A 242 12.13 -24.79 18.56
CA ILE A 242 12.63 -25.99 19.22
C ILE A 242 14.16 -26.13 19.14
N HIS A 243 14.77 -26.27 20.32
CA HIS A 243 16.21 -26.45 20.47
C HIS A 243 16.37 -27.92 20.93
N MET A 244 17.10 -28.68 20.12
CA MET A 244 17.30 -30.09 20.36
C MET A 244 18.80 -30.43 20.35
N LYS A 245 19.13 -31.36 21.24
CA LYS A 245 20.45 -31.98 21.37
C LYS A 245 20.01 -33.44 21.38
N GLU A 246 19.99 -34.05 20.20
CA GLU A 246 19.54 -35.43 20.07
C GLU A 246 20.71 -36.40 20.08
N THR A 247 20.71 -37.35 21.01
CA THR A 247 21.79 -38.34 21.05
C THR A 247 21.23 -39.67 20.54
N THR A 248 21.54 -39.99 19.28
CA THR A 248 21.09 -41.22 18.63
C THR A 248 21.43 -42.46 19.46
N ILE A 249 20.70 -43.55 19.25
CA ILE A 249 20.91 -44.79 20.00
C ILE A 249 22.39 -45.18 20.07
N ASP A 250 23.16 -44.71 19.09
CA ASP A 250 24.59 -44.97 19.01
C ASP A 250 25.37 -44.11 20.02
N GLY A 251 25.35 -42.80 19.83
CA GLY A 251 26.02 -41.90 20.75
C GLY A 251 26.22 -40.54 20.14
N GLU A 252 25.84 -40.41 18.87
CA GLU A 252 25.98 -39.14 18.17
C GLU A 252 25.06 -38.12 18.82
N GLU A 253 25.46 -36.85 18.80
CA GLU A 253 24.64 -35.78 19.37
C GLU A 253 24.41 -34.67 18.34
N LEU A 254 23.20 -34.63 17.79
CA LEU A 254 22.86 -33.63 16.80
C LEU A 254 22.23 -32.44 17.48
N VAL A 255 22.80 -31.25 17.28
CA VAL A 255 22.19 -30.02 17.77
C VAL A 255 21.43 -29.35 16.62
N LYS A 256 20.09 -29.40 16.71
CA LYS A 256 19.18 -28.85 15.71
C LYS A 256 18.32 -27.73 16.30
N ILE A 257 17.81 -26.88 15.42
CA ILE A 257 16.94 -25.76 15.80
C ILE A 257 15.80 -25.55 14.82
N GLY A 258 14.58 -25.80 15.28
CA GLY A 258 13.45 -25.64 14.41
C GLY A 258 12.51 -24.53 14.87
N LYS A 259 11.87 -23.89 13.90
CA LYS A 259 10.88 -22.87 14.18
C LYS A 259 9.67 -23.03 13.26
N LEU A 260 8.50 -23.18 13.89
CA LEU A 260 7.25 -23.28 13.18
C LEU A 260 6.52 -22.01 13.57
N ASN A 261 6.05 -21.24 12.59
CA ASN A 261 5.24 -20.06 12.86
C ASN A 261 3.85 -20.42 12.45
N LEU A 262 2.86 -20.16 13.30
CA LEU A 262 1.46 -20.42 12.90
C LEU A 262 0.67 -19.12 12.85
N VAL A 263 0.30 -18.75 11.64
CA VAL A 263 -0.30 -17.45 11.34
C VAL A 263 -1.80 -17.51 11.06
N ASP A 264 -2.57 -16.83 11.90
CA ASP A 264 -4.02 -16.75 11.69
C ASP A 264 -4.18 -15.34 11.09
N LEU A 265 -4.47 -15.27 9.79
CA LEU A 265 -4.53 -13.96 9.15
C LEU A 265 -5.81 -13.22 9.46
N ALA A 266 -5.79 -11.89 9.31
CA ALA A 266 -6.97 -11.02 9.48
C ALA A 266 -7.96 -11.46 8.42
N GLY A 267 -9.25 -11.23 8.66
CA GLY A 267 -10.28 -11.60 7.69
C GLY A 267 -9.98 -11.12 6.27
N SER A 268 -10.17 -11.95 5.25
CA SER A 268 -9.87 -11.49 3.89
C SER A 268 -10.87 -10.48 3.29
N GLU A 269 -12.04 -10.38 3.92
CA GLU A 269 -13.13 -9.56 3.43
C GLU A 269 -12.82 -8.06 3.31
N ASN A 270 -13.45 -7.46 2.30
CA ASN A 270 -13.32 -6.02 2.02
C ASN A 270 -14.61 -5.41 1.45
N ASN A 286 -11.78 0.37 7.65
CA ASN A 286 -10.50 0.92 7.20
C ASN A 286 -9.63 -0.05 6.37
N ILE A 287 -8.32 0.23 6.31
CA ILE A 287 -7.39 -0.55 5.50
C ILE A 287 -6.39 -1.35 6.35
N ASN A 288 -6.23 -2.63 6.00
CA ASN A 288 -5.28 -3.51 6.65
C ASN A 288 -4.07 -3.51 5.75
N GLN A 289 -3.04 -2.74 6.13
CA GLN A 289 -1.80 -2.63 5.36
C GLN A 289 -1.02 -3.93 5.30
N SER A 290 -1.13 -4.71 6.34
CA SER A 290 -0.41 -5.96 6.33
C SER A 290 -1.08 -6.96 5.34
N LEU A 291 -2.41 -6.95 5.29
CA LEU A 291 -3.15 -7.83 4.37
C LEU A 291 -2.86 -7.41 2.94
N LEU A 292 -2.95 -6.13 2.72
CA LEU A 292 -2.76 -5.57 1.38
C LEU A 292 -1.38 -5.93 0.83
N THR A 293 -0.37 -5.65 1.64
CA THR A 293 1.03 -5.93 1.30
C THR A 293 1.19 -7.41 1.01
N LEU A 294 0.65 -8.26 1.89
CA LEU A 294 0.74 -9.71 1.71
C LEU A 294 0.32 -10.14 0.32
N GLY A 295 -0.86 -9.70 -0.12
CA GLY A 295 -1.40 -9.94 -1.45
C GLY A 295 -0.53 -9.43 -2.59
N ARG A 296 0.08 -8.26 -2.37
CA ARG A 296 1.00 -7.62 -3.33
C ARG A 296 2.37 -8.31 -3.42
N VAL A 297 2.79 -8.94 -2.32
CA VAL A 297 4.03 -9.73 -2.23
C VAL A 297 3.90 -11.06 -2.99
N ILE A 298 2.71 -11.63 -2.93
CA ILE A 298 2.40 -12.86 -3.64
C ILE A 298 2.41 -12.58 -5.11
N THR A 299 1.80 -11.45 -5.51
CA THR A 299 1.74 -11.05 -6.90
C THR A 299 3.16 -10.87 -7.44
N ALA A 300 3.99 -10.09 -6.76
CA ALA A 300 5.36 -9.94 -7.19
C ALA A 300 6.10 -11.30 -7.27
N LEU A 301 5.89 -12.20 -6.32
CA LEU A 301 6.56 -13.52 -6.33
C LEU A 301 6.16 -14.42 -7.50
N VAL A 302 4.87 -14.47 -7.78
CA VAL A 302 4.36 -15.34 -8.81
C VAL A 302 4.46 -14.75 -10.22
N GLU A 303 4.65 -13.45 -10.30
CA GLU A 303 4.85 -12.79 -11.56
C GLU A 303 6.33 -12.50 -11.75
N ARG A 304 7.16 -13.24 -11.05
CA ARG A 304 8.62 -13.04 -11.06
C ARG A 304 9.13 -11.60 -11.19
N THR A 305 8.47 -10.68 -10.49
CA THR A 305 8.90 -9.27 -10.49
C THR A 305 10.13 -9.07 -9.58
N PRO A 306 11.14 -8.29 -10.05
CA PRO A 306 12.37 -8.02 -9.29
C PRO A 306 12.12 -7.48 -7.86
N HIS A 307 11.30 -6.44 -7.76
CA HIS A 307 10.94 -5.82 -6.48
C HIS A 307 9.74 -6.51 -5.85
N VAL A 308 9.95 -7.02 -4.64
CA VAL A 308 8.90 -7.67 -3.83
C VAL A 308 8.74 -6.73 -2.64
N PRO A 309 7.53 -6.18 -2.43
CA PRO A 309 7.32 -5.12 -1.42
C PRO A 309 7.27 -5.52 0.06
N TYR A 310 8.13 -6.44 0.50
CA TYR A 310 8.13 -6.88 1.90
C TYR A 310 8.09 -5.70 2.87
N ARG A 311 9.11 -4.87 2.83
CA ARG A 311 9.20 -3.69 3.72
C ARG A 311 7.90 -2.90 3.87
N GLU A 312 6.97 -3.06 2.93
CA GLU A 312 5.70 -2.30 2.99
C GLU A 312 4.71 -2.56 4.16
N SER A 313 4.96 -3.57 4.99
CA SER A 313 4.04 -3.84 6.08
C SER A 313 4.78 -4.63 7.12
N LYS A 314 4.25 -4.65 8.32
CA LYS A 314 4.92 -5.34 9.41
C LYS A 314 4.98 -6.84 9.22
N LEU A 315 3.85 -7.39 8.82
CA LEU A 315 3.70 -8.83 8.59
C LEU A 315 4.69 -9.44 7.64
N THR A 316 4.78 -8.84 6.46
CA THR A 316 5.63 -9.38 5.39
C THR A 316 7.12 -9.14 5.70
N ARG A 317 7.36 -8.24 6.64
CA ARG A 317 8.71 -8.01 7.09
C ARG A 317 9.07 -9.11 8.12
N ILE A 318 8.11 -9.38 9.00
CA ILE A 318 8.26 -10.42 9.99
C ILE A 318 8.44 -11.73 9.26
N LEU A 319 7.51 -12.00 8.35
CA LEU A 319 7.45 -13.28 7.63
C LEU A 319 8.00 -13.34 6.25
N GLN A 320 8.84 -12.36 5.93
CA GLN A 320 9.56 -12.27 4.69
C GLN A 320 10.21 -13.62 4.23
N ASP A 321 10.87 -14.33 5.15
CA ASP A 321 11.53 -15.60 4.83
C ASP A 321 10.55 -16.73 4.47
N SER A 322 9.33 -16.57 4.94
CA SER A 322 8.25 -17.51 4.63
C SER A 322 7.72 -17.27 3.20
N LEU A 323 8.01 -16.13 2.59
CA LEU A 323 7.47 -15.85 1.27
C LEU A 323 8.58 -15.70 0.22
N GLY A 324 8.90 -16.81 -0.44
CA GLY A 324 9.97 -16.84 -1.41
C GLY A 324 11.29 -16.82 -0.64
N GLY A 325 11.30 -17.38 0.57
CA GLY A 325 12.48 -17.42 1.43
C GLY A 325 13.08 -18.81 1.54
N ARG A 326 13.78 -19.08 2.64
CA ARG A 326 14.35 -20.40 2.90
C ARG A 326 13.44 -21.14 3.89
N THR A 327 12.17 -20.75 4.00
CA THR A 327 11.22 -21.40 4.89
C THR A 327 10.21 -22.24 4.11
N ARG A 328 9.79 -23.38 4.69
CA ARG A 328 8.78 -24.27 4.05
C ARG A 328 7.43 -23.73 4.47
N THR A 329 6.69 -23.17 3.53
CA THR A 329 5.39 -22.67 3.92
C THR A 329 4.18 -23.34 3.29
N SER A 330 3.09 -23.36 4.06
CA SER A 330 1.82 -23.96 3.65
C SER A 330 0.75 -22.92 3.95
N ILE A 331 -0.27 -22.86 3.08
CA ILE A 331 -1.38 -21.97 3.27
C ILE A 331 -2.61 -22.84 3.36
N ILE A 332 -3.44 -22.55 4.36
CA ILE A 332 -4.71 -23.22 4.51
C ILE A 332 -5.74 -22.12 4.28
N ALA A 333 -6.49 -22.27 3.19
CA ALA A 333 -7.56 -21.37 2.77
C ALA A 333 -8.91 -21.95 3.21
N THR A 334 -9.58 -21.17 4.03
CA THR A 334 -10.83 -21.54 4.65
C THR A 334 -12.00 -20.86 3.93
N ILE A 335 -12.97 -21.66 3.51
CA ILE A 335 -14.09 -21.13 2.74
C ILE A 335 -15.40 -21.55 3.44
N SER A 336 -16.50 -20.90 3.09
CA SER A 336 -17.85 -21.13 3.65
C SER A 336 -18.66 -21.89 2.59
N PRO A 337 -19.64 -22.71 3.01
CA PRO A 337 -20.33 -23.33 1.88
C PRO A 337 -21.61 -22.61 1.46
N ALA A 338 -22.06 -21.66 2.28
CA ALA A 338 -23.28 -20.88 2.05
C ALA A 338 -23.24 -20.04 0.81
N SER A 339 -24.43 -19.83 0.23
CA SER A 339 -24.59 -19.05 -0.98
C SER A 339 -24.29 -17.55 -0.82
N LEU A 340 -24.62 -16.99 0.35
CA LEU A 340 -24.35 -15.56 0.59
C LEU A 340 -22.88 -15.18 0.43
N ASN A 341 -21.99 -16.11 0.73
CA ASN A 341 -20.58 -15.83 0.68
C ASN A 341 -19.92 -16.10 -0.66
N LEU A 342 -20.67 -16.40 -1.70
CA LEU A 342 -20.03 -16.74 -2.97
C LEU A 342 -18.90 -15.84 -3.49
N GLU A 343 -19.14 -14.53 -3.47
CA GLU A 343 -18.13 -13.61 -3.96
C GLU A 343 -16.84 -13.68 -3.16
N GLU A 344 -16.98 -13.88 -1.86
CA GLU A 344 -15.83 -13.97 -0.96
C GLU A 344 -15.08 -15.27 -1.04
N THR A 345 -15.83 -16.36 -1.22
CA THR A 345 -15.20 -17.68 -1.38
C THR A 345 -14.54 -17.76 -2.74
N LEU A 346 -15.20 -17.22 -3.76
CA LEU A 346 -14.59 -17.13 -5.07
C LEU A 346 -13.26 -16.37 -4.97
N SER A 347 -13.32 -15.19 -4.36
CA SER A 347 -12.13 -14.36 -4.13
C SER A 347 -11.02 -15.05 -3.35
N THR A 348 -11.38 -15.84 -2.36
CA THR A 348 -10.42 -16.62 -1.59
C THR A 348 -9.81 -17.79 -2.40
N LEU A 349 -10.62 -18.48 -3.19
CA LEU A 349 -10.08 -19.59 -3.97
C LEU A 349 -9.08 -19.07 -4.98
N GLU A 350 -9.51 -18.05 -5.70
CA GLU A 350 -8.72 -17.37 -6.72
C GLU A 350 -7.34 -16.92 -6.12
N TYR A 351 -7.40 -16.24 -4.98
CA TYR A 351 -6.21 -15.81 -4.24
C TYR A 351 -5.26 -16.97 -3.86
N ALA A 352 -5.86 -18.03 -3.33
CA ALA A 352 -5.10 -19.20 -2.88
C ALA A 352 -4.47 -20.02 -4.02
N HIS A 353 -5.15 -20.06 -5.16
CA HIS A 353 -4.65 -20.73 -6.35
C HIS A 353 -3.36 -20.09 -6.85
N ARG A 354 -3.38 -18.78 -7.02
CA ARG A 354 -2.21 -18.00 -7.40
C ARG A 354 -0.95 -18.31 -6.54
N ALA A 355 -1.09 -18.36 -5.21
CA ALA A 355 0.07 -18.59 -4.32
C ALA A 355 0.73 -19.96 -4.50
N LYS A 356 0.04 -20.84 -5.22
CA LYS A 356 0.60 -22.15 -5.54
C LYS A 356 1.94 -21.92 -6.30
N ASN A 357 2.04 -20.80 -7.02
CA ASN A 357 3.22 -20.53 -7.83
C ASN A 357 4.33 -19.71 -7.21
N ILE A 358 4.53 -19.86 -5.92
CA ILE A 358 5.58 -19.14 -5.22
C ILE A 358 6.63 -20.17 -4.86
N LEU A 359 7.86 -19.97 -5.33
CA LEU A 359 8.92 -20.93 -5.06
C LEU A 359 9.86 -20.47 -3.97
N ASN A 360 9.99 -21.30 -2.92
CA ASN A 360 10.92 -21.01 -1.84
C ASN A 360 11.84 -22.16 -1.44
N LYS A 361 12.24 -22.13 -0.16
CA LYS A 361 13.16 -23.11 0.45
C LYS A 361 14.61 -23.04 -0.01
N ASN B 17 -9.20 11.24 -21.63
CA ASN B 17 -9.57 12.54 -21.06
C ASN B 17 -8.40 13.32 -20.45
N ILE B 18 -7.88 12.88 -19.29
CA ILE B 18 -6.77 13.58 -18.64
C ILE B 18 -5.68 13.99 -19.65
N GLN B 19 -5.20 15.23 -19.55
CA GLN B 19 -4.16 15.68 -20.46
C GLN B 19 -2.80 15.31 -19.90
N VAL B 20 -1.95 14.68 -20.70
CA VAL B 20 -0.59 14.27 -20.29
C VAL B 20 0.42 14.77 -21.28
N VAL B 21 1.30 15.67 -20.84
CA VAL B 21 2.33 16.27 -21.65
C VAL B 21 3.70 15.90 -21.04
N VAL B 22 4.76 15.93 -21.86
CA VAL B 22 6.15 15.60 -21.43
C VAL B 22 7.12 16.80 -21.61
N ARG B 23 7.91 17.13 -20.57
CA ARG B 23 8.91 18.22 -20.69
C ARG B 23 10.31 17.67 -20.43
N CYS B 24 11.20 17.87 -21.37
CA CYS B 24 12.54 17.35 -21.21
C CYS B 24 13.46 18.49 -20.82
N ARG B 25 14.20 18.34 -19.73
CA ARG B 25 15.07 19.43 -19.33
C ARG B 25 16.34 19.33 -20.20
N PRO B 26 17.11 20.42 -20.31
CA PRO B 26 18.36 20.38 -21.07
C PRO B 26 19.53 19.88 -20.21
N PHE B 27 20.66 19.51 -20.81
CA PHE B 27 21.82 19.08 -19.99
C PHE B 27 22.34 20.24 -19.16
N ASN B 28 23.12 19.90 -18.13
CA ASN B 28 23.68 20.95 -17.29
C ASN B 28 25.22 21.05 -17.40
N LEU B 29 25.76 22.20 -17.02
CA LEU B 29 27.19 22.47 -17.14
C LEU B 29 28.11 21.29 -16.89
N ALA B 30 27.61 20.31 -16.14
CA ALA B 30 28.39 19.10 -15.84
C ALA B 30 28.31 18.09 -17.00
N GLU B 31 27.09 17.69 -17.34
CA GLU B 31 26.87 16.70 -18.40
C GLU B 31 27.37 17.18 -19.77
N ARG B 32 27.15 18.46 -20.07
CA ARG B 32 27.55 19.04 -21.35
C ARG B 32 29.05 19.32 -21.44
N LYS B 33 29.72 19.36 -20.29
CA LYS B 33 31.16 19.57 -20.22
C LYS B 33 31.87 18.27 -20.56
N ALA B 34 31.16 17.16 -20.36
CA ALA B 34 31.67 15.81 -20.65
C ALA B 34 30.91 15.29 -21.86
N SER B 35 30.68 16.21 -22.81
CA SER B 35 29.95 15.98 -24.05
C SER B 35 28.87 14.91 -24.00
N ALA B 36 27.74 15.28 -23.40
CA ALA B 36 26.63 14.36 -23.25
C ALA B 36 25.95 13.98 -24.58
N HIS B 37 25.65 12.71 -24.73
CA HIS B 37 24.97 12.20 -25.91
C HIS B 37 23.50 11.98 -25.55
N SER B 38 22.64 12.91 -25.96
CA SER B 38 21.22 12.85 -25.63
C SER B 38 20.57 11.54 -26.06
N ILE B 39 19.74 10.98 -25.18
CA ILE B 39 19.05 9.75 -25.51
C ILE B 39 17.58 10.05 -25.76
N VAL B 40 17.20 11.30 -25.55
CA VAL B 40 15.80 11.67 -25.75
C VAL B 40 15.64 12.68 -26.90
N GLU B 41 14.57 12.51 -27.68
CA GLU B 41 14.31 13.38 -28.80
C GLU B 41 12.83 13.67 -28.86
N CYS B 42 12.45 14.84 -28.37
CA CYS B 42 11.05 15.23 -28.29
C CYS B 42 10.54 15.83 -29.58
N ASP B 43 9.43 15.32 -30.11
CA ASP B 43 8.87 15.82 -31.37
C ASP B 43 7.63 16.70 -31.14
N PRO B 44 7.87 17.96 -30.79
CA PRO B 44 6.84 18.96 -30.50
C PRO B 44 5.78 18.98 -31.57
N VAL B 45 6.20 18.95 -32.83
CA VAL B 45 5.27 19.00 -33.97
C VAL B 45 4.36 17.78 -34.03
N ARG B 46 4.99 16.62 -33.90
CA ARG B 46 4.29 15.33 -33.89
C ARG B 46 4.04 14.77 -32.46
N LYS B 47 4.29 15.59 -31.44
CA LYS B 47 3.99 15.24 -30.04
C LYS B 47 4.42 13.84 -29.65
N GLU B 48 5.69 13.55 -29.83
CA GLU B 48 6.23 12.25 -29.54
C GLU B 48 7.55 12.49 -28.84
N VAL B 49 7.98 11.49 -28.09
CA VAL B 49 9.26 11.49 -27.44
C VAL B 49 9.79 10.08 -27.69
N SER B 50 11.01 9.97 -28.22
CA SER B 50 11.63 8.66 -28.45
C SER B 50 12.88 8.57 -27.64
N VAL B 51 13.17 7.36 -27.15
CA VAL B 51 14.32 7.19 -26.28
C VAL B 51 15.24 6.07 -26.73
N ARG B 52 16.52 6.35 -26.84
CA ARG B 52 17.45 5.28 -27.21
C ARG B 52 17.62 4.36 -26.03
N THR B 53 17.31 3.08 -26.21
CA THR B 53 17.50 2.10 -25.16
C THR B 53 18.65 1.14 -25.45
N GLY B 54 19.20 1.26 -26.64
CA GLY B 54 20.30 0.41 -27.03
C GLY B 54 20.96 0.89 -28.31
N GLY B 55 22.03 0.18 -28.70
CA GLY B 55 22.81 0.46 -29.89
C GLY B 55 23.43 1.86 -29.97
N LEU B 56 24.21 2.09 -31.01
CA LEU B 56 24.85 3.39 -31.22
C LEU B 56 23.97 4.26 -32.13
N ALA B 57 24.51 5.39 -32.58
CA ALA B 57 23.79 6.28 -33.50
C ALA B 57 23.59 5.58 -34.86
N ASP B 58 24.60 4.78 -35.24
CA ASP B 58 24.62 4.03 -36.49
C ASP B 58 23.41 3.11 -36.60
N LYS B 59 23.27 2.21 -35.64
CA LYS B 59 22.15 1.28 -35.60
C LYS B 59 21.74 1.20 -34.13
N SER B 60 20.45 1.41 -33.86
CA SER B 60 19.96 1.45 -32.49
C SER B 60 18.51 1.04 -32.31
N SER B 61 18.14 0.85 -31.04
CA SER B 61 16.79 0.52 -30.61
C SER B 61 16.27 1.82 -30.01
N ARG B 62 14.99 1.87 -29.67
CA ARG B 62 14.40 3.05 -29.05
C ARG B 62 12.91 2.92 -28.82
N LYS B 63 12.43 3.48 -27.72
CA LYS B 63 11.01 3.45 -27.41
C LYS B 63 10.36 4.78 -27.79
N THR B 64 9.19 4.69 -28.42
CA THR B 64 8.48 5.90 -28.81
C THR B 64 7.03 5.95 -28.26
N TYR B 65 6.76 7.04 -27.56
CA TYR B 65 5.45 7.29 -26.98
C TYR B 65 4.99 8.61 -27.56
N THR B 66 3.69 8.72 -27.80
CA THR B 66 3.18 9.99 -28.26
C THR B 66 2.23 10.46 -27.18
N PHE B 67 2.33 11.75 -26.88
CA PHE B 67 1.52 12.42 -25.83
C PHE B 67 0.67 13.58 -26.41
N ASP B 68 -0.06 14.24 -25.53
CA ASP B 68 -0.89 15.37 -25.93
C ASP B 68 -0.05 16.54 -26.40
N MET B 69 1.05 16.79 -25.72
CA MET B 69 1.98 17.82 -26.11
C MET B 69 3.35 17.36 -25.66
N VAL B 70 4.38 17.86 -26.30
CA VAL B 70 5.74 17.46 -25.97
C VAL B 70 6.69 18.65 -26.13
N PHE B 71 7.34 18.99 -25.02
CA PHE B 71 8.26 20.10 -24.89
C PHE B 71 9.74 19.65 -24.72
N GLY B 72 10.58 20.01 -25.68
CA GLY B 72 11.98 19.65 -25.62
C GLY B 72 12.75 20.62 -24.76
N ALA B 73 14.01 20.31 -24.54
CA ALA B 73 14.88 21.08 -23.65
C ALA B 73 14.81 22.58 -23.89
N SER B 74 14.49 22.93 -25.13
CA SER B 74 14.39 24.32 -25.60
C SER B 74 13.20 25.14 -25.08
N THR B 75 12.06 24.49 -24.79
CA THR B 75 10.82 25.19 -24.39
C THR B 75 10.97 26.20 -23.27
N LYS B 76 10.42 27.37 -23.47
CA LYS B 76 10.46 28.44 -22.46
C LYS B 76 9.31 28.32 -21.47
N GLN B 77 9.46 28.89 -20.29
CA GLN B 77 8.40 28.84 -19.30
C GLN B 77 7.13 29.40 -19.91
N ILE B 78 7.24 30.54 -20.58
CA ILE B 78 6.07 31.24 -21.12
C ILE B 78 5.28 30.35 -22.07
N ASP B 79 5.99 29.46 -22.77
CA ASP B 79 5.37 28.53 -23.67
C ASP B 79 4.68 27.41 -22.90
N VAL B 80 5.20 27.09 -21.72
CA VAL B 80 4.59 25.99 -20.98
C VAL B 80 3.33 26.61 -20.43
N TYR B 81 3.43 27.87 -20.06
CA TYR B 81 2.29 28.57 -19.52
C TYR B 81 1.10 28.76 -20.51
N ARG B 82 1.44 29.30 -21.69
CA ARG B 82 0.47 29.57 -22.71
C ARG B 82 -0.22 28.28 -23.15
N SER B 83 0.60 27.25 -23.41
CA SER B 83 0.09 25.98 -23.87
C SER B 83 -0.68 25.21 -22.84
N VAL B 84 -0.11 25.05 -21.65
CA VAL B 84 -0.76 24.21 -20.65
C VAL B 84 -1.69 24.92 -19.69
N VAL B 85 -1.19 25.95 -19.03
CA VAL B 85 -1.90 26.68 -18.00
C VAL B 85 -2.99 27.66 -18.40
N CYS B 86 -2.69 28.50 -19.39
CA CYS B 86 -3.66 29.53 -19.82
C CYS B 86 -5.07 28.97 -20.03
N PRO B 87 -5.18 27.90 -20.81
CA PRO B 87 -6.56 27.40 -21.00
C PRO B 87 -7.14 26.78 -19.71
N ILE B 88 -6.30 26.13 -18.90
CA ILE B 88 -6.74 25.58 -17.61
C ILE B 88 -7.29 26.68 -16.69
N LEU B 89 -6.58 27.81 -16.65
CA LEU B 89 -7.00 28.98 -15.84
C LEU B 89 -8.31 29.55 -16.31
N ASP B 90 -8.53 29.56 -17.63
CA ASP B 90 -9.75 30.16 -18.16
C ASP B 90 -10.92 29.37 -17.67
N GLU B 91 -10.68 28.07 -17.54
CA GLU B 91 -11.67 27.11 -17.08
C GLU B 91 -11.98 27.22 -15.57
N VAL B 92 -10.95 27.45 -14.75
CA VAL B 92 -11.12 27.60 -13.31
C VAL B 92 -11.95 28.87 -13.19
N ILE B 93 -11.57 29.87 -13.98
CA ILE B 93 -12.25 31.18 -13.95
C ILE B 93 -13.72 31.01 -14.31
N MET B 94 -14.03 30.02 -15.15
CA MET B 94 -15.41 29.74 -15.52
C MET B 94 -16.12 28.98 -14.41
N GLY B 95 -15.41 28.80 -13.29
CA GLY B 95 -15.96 28.10 -12.13
C GLY B 95 -15.73 26.60 -12.04
N TYR B 96 -14.63 26.10 -12.63
CA TYR B 96 -14.26 24.67 -12.60
C TYR B 96 -13.04 24.44 -11.69
N ASN B 97 -12.94 23.26 -11.08
CA ASN B 97 -11.76 22.89 -10.28
C ASN B 97 -10.82 22.21 -11.26
N CYS B 98 -9.53 22.47 -11.16
CA CYS B 98 -8.55 21.84 -12.06
C CYS B 98 -7.30 21.52 -11.23
N THR B 99 -6.54 20.56 -11.70
CA THR B 99 -5.32 20.14 -11.05
C THR B 99 -4.24 19.93 -12.12
N ILE B 100 -3.02 20.32 -11.81
CA ILE B 100 -1.91 20.04 -12.72
C ILE B 100 -0.85 19.36 -11.84
N PHE B 101 -0.35 18.23 -12.27
CA PHE B 101 0.69 17.56 -11.50
C PHE B 101 2.00 17.71 -12.26
N ALA B 102 3.11 17.67 -11.54
CA ALA B 102 4.43 17.56 -12.18
C ALA B 102 5.00 16.25 -11.62
N TYR B 103 5.23 15.30 -12.53
CA TYR B 103 5.68 13.98 -12.16
C TYR B 103 6.93 13.63 -12.93
N GLY B 104 7.89 13.01 -12.26
CA GLY B 104 9.11 12.58 -12.89
C GLY B 104 10.18 12.47 -11.84
N GLN B 105 11.32 11.98 -12.26
CA GLN B 105 12.45 11.76 -11.37
C GLN B 105 12.99 13.06 -10.74
N THR B 106 13.61 12.93 -9.57
CA THR B 106 14.26 14.08 -8.92
C THR B 106 15.30 14.58 -9.88
N GLY B 107 15.47 15.89 -9.97
CA GLY B 107 16.45 16.41 -10.92
C GLY B 107 15.95 16.63 -12.34
N THR B 108 14.75 16.20 -12.66
CA THR B 108 14.20 16.41 -14.01
C THR B 108 13.41 17.73 -14.32
N GLY B 109 13.28 18.67 -13.38
CA GLY B 109 12.54 19.89 -13.59
C GLY B 109 11.12 20.08 -13.03
N LYS B 110 10.67 19.27 -12.08
CA LYS B 110 9.32 19.47 -11.54
C LYS B 110 9.11 20.78 -10.79
N THR B 111 10.07 21.13 -9.95
CA THR B 111 9.98 22.40 -9.23
C THR B 111 10.17 23.56 -10.18
N PHE B 112 11.03 23.32 -11.17
CA PHE B 112 11.33 24.33 -12.15
C PHE B 112 10.12 24.73 -12.96
N THR B 113 9.34 23.72 -13.30
CA THR B 113 8.16 23.90 -14.11
C THR B 113 7.08 24.57 -13.27
N MET B 114 6.92 24.04 -12.07
CA MET B 114 5.91 24.52 -11.12
C MET B 114 6.16 25.88 -10.51
N GLU B 115 7.41 26.16 -10.17
CA GLU B 115 7.71 27.45 -9.51
C GLU B 115 8.70 28.26 -10.34
N GLY B 116 9.66 27.59 -10.92
CA GLY B 116 10.62 28.28 -11.76
C GLY B 116 11.78 28.82 -10.95
N GLU B 117 12.38 29.89 -11.43
CA GLU B 117 13.53 30.44 -10.75
C GLU B 117 13.72 31.89 -11.10
N ARG B 118 14.78 32.47 -10.58
CA ARG B 118 15.08 33.84 -10.91
C ARG B 118 16.20 33.88 -11.97
N SER B 119 16.08 34.79 -12.94
CA SER B 119 17.14 34.93 -13.91
C SER B 119 18.31 35.55 -13.13
N PRO B 120 19.49 34.95 -13.27
CA PRO B 120 20.67 35.39 -12.53
C PRO B 120 20.96 36.88 -12.65
N ASN B 121 21.57 37.47 -11.62
CA ASN B 121 21.99 38.87 -11.64
C ASN B 121 20.93 39.99 -11.43
N GLU B 122 19.85 39.64 -10.75
CA GLU B 122 18.75 40.55 -10.49
C GLU B 122 18.26 41.26 -11.74
N GLU B 123 18.31 40.60 -12.88
CA GLU B 123 17.89 41.28 -14.10
C GLU B 123 16.45 41.69 -14.12
N TYR B 124 15.56 40.88 -13.54
CA TYR B 124 14.13 41.22 -13.58
C TYR B 124 13.43 41.29 -12.24
N THR B 125 12.23 41.86 -12.31
CA THR B 125 11.30 41.92 -11.20
C THR B 125 10.68 40.53 -11.27
N TRP B 126 10.12 40.05 -10.18
CA TRP B 126 9.59 38.71 -10.27
C TRP B 126 8.52 38.64 -11.35
N GLU B 127 7.61 39.61 -11.41
CA GLU B 127 6.53 39.53 -12.40
C GLU B 127 6.93 39.56 -13.89
N GLU B 128 8.22 39.81 -14.13
CA GLU B 128 8.72 39.86 -15.48
C GLU B 128 9.67 38.74 -15.78
N ASP B 129 10.20 38.09 -14.74
CA ASP B 129 11.22 37.05 -14.91
C ASP B 129 10.90 35.95 -15.94
N PRO B 130 11.85 35.73 -16.89
CA PRO B 130 11.65 34.73 -17.92
C PRO B 130 11.76 33.33 -17.35
N LEU B 131 12.44 33.21 -16.22
CA LEU B 131 12.55 31.89 -15.60
C LEU B 131 11.39 31.55 -14.64
N ALA B 132 10.51 32.51 -14.31
CA ALA B 132 9.35 32.27 -13.45
C ALA B 132 8.52 31.11 -13.98
N GLY B 133 7.92 30.36 -13.08
CA GLY B 133 7.18 29.17 -13.46
C GLY B 133 5.71 29.27 -13.30
N ILE B 134 5.05 28.12 -13.28
CA ILE B 134 3.59 28.09 -13.31
C ILE B 134 2.95 28.91 -12.24
N ILE B 135 3.29 28.62 -10.96
CA ILE B 135 2.67 29.28 -9.81
C ILE B 135 2.65 30.81 -9.78
N PRO B 136 3.82 31.44 -9.90
CA PRO B 136 3.89 32.90 -9.87
C PRO B 136 3.15 33.54 -11.07
N ARG B 137 3.38 32.95 -12.26
CA ARG B 137 2.73 33.40 -13.52
C ARG B 137 1.21 33.31 -13.41
N THR B 138 0.73 32.18 -12.94
CA THR B 138 -0.70 31.95 -12.78
C THR B 138 -1.37 32.93 -11.88
N LEU B 139 -0.72 33.20 -10.73
CA LEU B 139 -1.28 34.08 -9.71
C LEU B 139 -1.42 35.44 -10.28
N HIS B 140 -0.33 35.92 -10.86
CA HIS B 140 -0.29 37.23 -11.49
C HIS B 140 -1.34 37.33 -12.61
N GLN B 141 -1.54 36.23 -13.34
CA GLN B 141 -2.52 36.28 -14.42
C GLN B 141 -3.95 36.48 -13.92
N ILE B 142 -4.24 35.91 -12.78
CA ILE B 142 -5.58 36.03 -12.22
C ILE B 142 -6.02 37.49 -12.09
N PHE B 143 -5.10 38.33 -11.61
CA PHE B 143 -5.40 39.74 -11.37
C PHE B 143 -5.51 40.50 -12.71
N GLU B 144 -4.85 39.98 -13.73
CA GLU B 144 -4.86 40.55 -15.07
C GLU B 144 -6.16 40.26 -15.79
N LYS B 145 -6.55 39.00 -15.72
CA LYS B 145 -7.76 38.51 -16.37
C LYS B 145 -9.04 39.09 -15.74
N LEU B 146 -9.05 39.20 -14.41
CA LEU B 146 -10.24 39.73 -13.71
C LEU B 146 -10.13 41.24 -13.45
N THR B 147 -9.16 41.88 -14.08
CA THR B 147 -8.90 43.30 -13.82
C THR B 147 -10.06 44.32 -13.95
N ASP B 148 -10.96 44.08 -14.91
CA ASP B 148 -12.10 45.00 -15.13
C ASP B 148 -13.16 44.46 -16.09
N ASN B 149 -13.40 43.15 -16.04
CA ASN B 149 -14.42 42.48 -16.84
C ASN B 149 -15.77 42.46 -16.13
N GLY B 150 -15.83 43.05 -14.96
CA GLY B 150 -17.09 43.09 -14.24
C GLY B 150 -17.35 41.96 -13.27
N THR B 151 -16.28 41.20 -12.97
CA THR B 151 -16.35 40.05 -12.07
C THR B 151 -15.64 40.42 -10.78
N GLU B 152 -16.42 40.55 -9.70
CA GLU B 152 -15.86 40.84 -8.37
C GLU B 152 -15.23 39.53 -7.85
N PHE B 153 -13.93 39.56 -7.54
CA PHE B 153 -13.22 38.37 -7.05
C PHE B 153 -12.31 38.49 -5.79
N SER B 154 -12.14 37.37 -5.11
CA SER B 154 -11.18 37.24 -3.98
C SER B 154 -10.31 36.04 -4.27
N VAL B 155 -9.03 36.20 -3.98
CA VAL B 155 -8.04 35.17 -4.19
C VAL B 155 -7.50 34.61 -2.87
N LYS B 156 -7.61 33.30 -2.67
CA LYS B 156 -7.10 32.60 -1.48
C LYS B 156 -6.08 31.54 -1.92
N VAL B 157 -5.04 31.30 -1.13
CA VAL B 157 -4.01 30.34 -1.45
C VAL B 157 -3.64 29.50 -0.23
N SER B 158 -3.45 28.21 -0.45
CA SER B 158 -3.04 27.36 0.63
C SER B 158 -1.84 26.59 0.11
N LEU B 159 -0.97 26.17 1.03
CA LEU B 159 0.21 25.38 0.67
C LEU B 159 0.30 24.16 1.59
N LEU B 160 -0.09 23.03 1.02
CA LEU B 160 -0.22 21.82 1.75
C LEU B 160 0.77 20.77 1.24
N GLU B 161 1.71 20.35 2.09
CA GLU B 161 2.68 19.34 1.68
C GLU B 161 2.63 18.12 2.57
N ILE B 162 2.92 16.99 1.95
CA ILE B 162 2.86 15.71 2.59
C ILE B 162 4.27 15.15 2.65
N TYR B 163 4.74 14.94 3.87
CA TYR B 163 6.01 14.32 4.08
C TYR B 163 5.88 13.11 5.03
N ASN B 164 6.16 11.94 4.49
CA ASN B 164 6.17 10.72 5.31
C ASN B 164 4.82 10.41 5.94
N GLU B 165 3.83 10.66 5.13
CA GLU B 165 2.43 10.47 5.44
C GLU B 165 1.90 11.42 6.44
N GLU B 166 2.60 12.53 6.63
CA GLU B 166 2.15 13.59 7.53
C GLU B 166 1.94 14.87 6.75
N LEU B 167 1.16 15.79 7.31
CA LEU B 167 0.78 17.03 6.67
C LEU B 167 1.37 18.29 7.27
N PHE B 168 1.85 19.18 6.42
CA PHE B 168 2.41 20.43 6.90
C PHE B 168 1.83 21.61 6.10
N ASP B 169 1.74 22.75 6.75
CA ASP B 169 1.27 23.98 6.14
C ASP B 169 2.52 24.87 6.00
N LEU B 170 2.94 25.10 4.75
CA LEU B 170 4.13 25.91 4.51
C LEU B 170 3.84 27.40 4.30
N LEU B 171 2.69 27.87 4.78
CA LEU B 171 2.33 29.31 4.67
C LEU B 171 1.88 29.94 6.01
N ASN B 172 1.86 29.13 7.06
CA ASN B 172 1.46 29.64 8.38
C ASN B 172 2.68 30.24 9.05
N PRO B 173 2.76 31.59 9.08
CA PRO B 173 3.92 32.26 9.68
C PRO B 173 3.89 32.04 11.19
N SER B 174 2.67 32.01 11.71
CA SER B 174 2.44 31.75 13.11
C SER B 174 3.08 30.41 13.53
N SER B 175 2.51 29.29 13.12
CA SER B 175 3.10 28.00 13.47
C SER B 175 4.42 27.74 12.76
N ASP B 176 5.08 26.65 13.11
CA ASP B 176 6.32 26.29 12.45
C ASP B 176 6.10 24.95 11.76
N VAL B 177 7.08 24.49 10.99
CA VAL B 177 6.91 23.28 10.19
C VAL B 177 6.94 21.94 10.92
N SER B 178 7.51 21.90 12.11
CA SER B 178 7.58 20.64 12.83
C SER B 178 6.15 20.25 13.27
N GLU B 179 5.20 21.17 13.11
CA GLU B 179 3.80 20.95 13.51
C GLU B 179 2.98 20.42 12.34
N ARG B 180 2.40 19.26 12.58
CA ARG B 180 1.65 18.54 11.58
C ARG B 180 0.16 18.80 11.73
N LEU B 181 -0.54 18.80 10.59
CA LEU B 181 -2.00 19.01 10.56
C LEU B 181 -2.70 17.67 10.58
N GLN B 182 -3.97 17.69 10.96
CA GLN B 182 -4.81 16.48 10.97
C GLN B 182 -5.93 16.59 9.89
N MET B 183 -6.21 15.50 9.22
CA MET B 183 -7.28 15.48 8.24
C MET B 183 -8.41 14.53 8.61
N PHE B 184 -9.62 14.94 8.24
CA PHE B 184 -10.83 14.17 8.48
C PHE B 184 -11.64 14.15 7.19
N ASP B 185 -12.60 13.21 7.13
CA ASP B 185 -13.50 13.09 6.00
C ASP B 185 -14.49 14.23 6.13
N ASP B 186 -14.90 14.80 5.01
CA ASP B 186 -15.84 15.90 5.03
C ASP B 186 -17.23 15.37 5.13
N PRO B 187 -17.89 15.59 6.28
CA PRO B 187 -19.25 15.11 6.51
C PRO B 187 -20.16 15.49 5.36
N ARG B 188 -20.10 16.76 4.97
CA ARG B 188 -20.87 17.26 3.83
C ARG B 188 -20.72 16.37 2.58
N ASN B 189 -19.62 16.55 1.84
CA ASN B 189 -19.33 15.75 0.64
C ASN B 189 -18.24 14.72 0.96
N LYS B 190 -18.62 13.44 1.06
CA LYS B 190 -17.65 12.39 1.42
C LYS B 190 -16.36 12.21 0.59
N ARG B 191 -16.42 12.48 -0.71
CA ARG B 191 -15.23 12.38 -1.53
C ARG B 191 -14.18 13.39 -1.00
N GLY B 192 -14.69 14.39 -0.27
CA GLY B 192 -13.92 15.49 0.30
C GLY B 192 -13.30 15.21 1.65
N VAL B 193 -12.27 15.98 1.96
CA VAL B 193 -11.54 15.89 3.19
C VAL B 193 -11.46 17.28 3.84
N ILE B 194 -11.43 17.34 5.17
CA ILE B 194 -11.26 18.60 5.88
C ILE B 194 -9.89 18.51 6.57
N ILE B 195 -9.01 19.46 6.32
CA ILE B 195 -7.69 19.46 6.95
C ILE B 195 -7.65 20.48 8.05
N LYS B 196 -7.73 20.00 9.28
CA LYS B 196 -7.73 20.91 10.43
C LYS B 196 -6.47 21.74 10.57
N GLY B 197 -6.64 23.06 10.64
CA GLY B 197 -5.54 23.98 10.86
C GLY B 197 -4.79 24.56 9.67
N LEU B 198 -5.18 24.12 8.47
CA LEU B 198 -4.56 24.59 7.25
C LEU B 198 -4.93 26.06 7.02
N GLU B 199 -3.89 26.89 6.95
CA GLU B 199 -4.04 28.32 6.69
C GLU B 199 -4.33 28.60 5.20
N GLU B 200 -5.25 29.53 4.97
CA GLU B 200 -5.58 30.05 3.66
C GLU B 200 -5.25 31.54 3.73
N ILE B 201 -4.41 32.01 2.81
CA ILE B 201 -4.03 33.44 2.80
C ILE B 201 -4.74 34.18 1.67
N THR B 202 -5.44 35.28 1.99
CA THR B 202 -6.09 36.10 0.95
C THR B 202 -5.05 36.96 0.23
N VAL B 203 -5.07 36.90 -1.09
CA VAL B 203 -4.17 37.67 -1.92
C VAL B 203 -5.00 38.85 -2.40
N HIS B 204 -4.76 40.01 -1.81
CA HIS B 204 -5.52 41.23 -2.11
C HIS B 204 -5.20 41.86 -3.46
N ASN B 205 -3.99 41.65 -3.93
CA ASN B 205 -3.59 42.22 -5.20
C ASN B 205 -2.31 41.54 -5.59
N LYS B 206 -1.87 41.76 -6.83
CA LYS B 206 -0.63 41.15 -7.33
C LYS B 206 0.60 41.55 -6.50
N ASP B 207 0.59 42.75 -5.96
CA ASP B 207 1.74 43.21 -5.22
C ASP B 207 1.84 42.57 -3.85
N GLU B 208 1.21 41.40 -3.72
CA GLU B 208 1.10 40.71 -2.46
C GLU B 208 1.46 39.25 -2.66
N VAL B 209 1.48 38.81 -3.91
CA VAL B 209 1.82 37.43 -4.23
C VAL B 209 3.29 37.08 -3.98
N TYR B 210 4.16 38.04 -4.23
CA TYR B 210 5.57 37.79 -4.07
C TYR B 210 5.97 37.52 -2.61
N GLN B 211 5.41 38.34 -1.70
CA GLN B 211 5.69 38.22 -0.28
C GLN B 211 5.22 36.91 0.34
N ILE B 212 4.22 36.28 -0.27
CA ILE B 212 3.66 35.02 0.19
C ILE B 212 4.57 33.87 -0.20
N LEU B 213 5.13 33.95 -1.42
CA LEU B 213 6.05 32.92 -1.92
C LEU B 213 7.40 32.94 -1.17
N GLU B 214 7.80 34.12 -0.72
CA GLU B 214 9.02 34.32 0.08
C GLU B 214 8.87 33.58 1.39
N LYS B 215 7.69 33.71 1.97
CA LYS B 215 7.34 33.08 3.23
C LYS B 215 7.31 31.55 3.12
N GLY B 216 6.81 31.03 2.00
CA GLY B 216 6.76 29.58 1.78
C GLY B 216 8.19 29.11 1.55
N ALA B 217 8.89 29.81 0.67
CA ALA B 217 10.29 29.54 0.41
C ALA B 217 11.11 29.42 1.72
N ALA B 218 10.81 30.27 2.71
CA ALA B 218 11.53 30.19 4.00
C ALA B 218 11.09 29.03 4.89
N LYS B 219 9.78 28.86 5.02
CA LYS B 219 9.28 27.80 5.85
C LYS B 219 9.81 26.49 5.24
N ARG B 220 9.98 26.46 3.91
CA ARG B 220 10.48 25.27 3.19
C ARG B 220 11.93 24.93 3.56
N THR B 221 12.71 25.97 3.83
CA THR B 221 14.13 25.78 4.17
C THR B 221 14.33 25.08 5.49
N THR B 222 13.49 25.48 6.47
CA THR B 222 13.47 24.91 7.80
C THR B 222 12.95 23.49 7.73
N ALA B 223 11.94 23.26 6.90
CA ALA B 223 11.40 21.89 6.70
C ALA B 223 12.56 20.96 6.35
N ALA B 224 13.36 21.42 5.38
CA ALA B 224 14.53 20.68 4.85
C ALA B 224 15.61 20.46 5.88
N THR B 225 15.71 21.35 6.84
CA THR B 225 16.74 21.18 7.87
C THR B 225 16.29 20.09 8.81
N LEU B 226 14.98 20.09 9.05
CA LEU B 226 14.29 19.17 9.98
C LEU B 226 14.04 17.76 9.42
N MET B 227 13.62 17.67 8.17
CA MET B 227 13.31 16.39 7.55
C MET B 227 14.32 15.92 6.50
N ASN B 228 14.72 14.65 6.60
CA ASN B 228 15.65 14.05 5.62
C ASN B 228 15.09 14.06 4.20
N ALA B 229 15.87 14.60 3.28
CA ALA B 229 15.54 14.74 1.86
C ALA B 229 14.18 15.34 1.63
N TYR B 230 13.85 16.40 2.37
CA TYR B 230 12.54 17.05 2.27
C TYR B 230 12.04 17.36 0.85
N SER B 231 12.78 18.21 0.11
CA SER B 231 12.38 18.61 -1.25
C SER B 231 12.20 17.48 -2.21
N SER B 232 12.95 16.43 -2.06
CA SER B 232 12.82 15.38 -3.04
C SER B 232 11.83 14.33 -2.54
N ARG B 233 11.57 14.33 -1.23
CA ARG B 233 10.66 13.33 -0.65
C ARG B 233 9.19 13.68 -0.42
N SER B 234 8.88 14.97 -0.43
CA SER B 234 7.56 15.51 -0.16
C SER B 234 6.75 15.82 -1.40
N HIS B 235 5.44 15.95 -1.17
CA HIS B 235 4.44 16.32 -2.20
C HIS B 235 3.84 17.61 -1.78
N SER B 236 3.91 18.58 -2.65
CA SER B 236 3.40 19.91 -2.38
C SER B 236 2.12 20.18 -3.20
N VAL B 237 1.13 20.77 -2.56
CA VAL B 237 -0.14 21.15 -3.20
C VAL B 237 -0.41 22.63 -2.95
N PHE B 238 -0.01 23.50 -3.86
CA PHE B 238 -0.30 24.92 -3.77
C PHE B 238 -1.65 25.06 -4.44
N SER B 239 -2.65 25.52 -3.69
CA SER B 239 -4.00 25.63 -4.25
C SER B 239 -4.40 27.10 -4.26
N VAL B 240 -5.04 27.53 -5.33
CA VAL B 240 -5.55 28.89 -5.42
C VAL B 240 -7.05 28.80 -5.72
N THR B 241 -7.86 29.37 -4.83
CA THR B 241 -9.30 29.29 -4.92
C THR B 241 -9.85 30.68 -5.27
N ILE B 242 -10.51 30.79 -6.42
CA ILE B 242 -11.07 32.09 -6.83
C ILE B 242 -12.59 32.11 -6.67
N HIS B 243 -13.06 32.99 -5.78
CA HIS B 243 -14.48 33.16 -5.52
C HIS B 243 -14.91 34.31 -6.39
N MET B 244 -15.94 34.09 -7.19
CA MET B 244 -16.40 35.14 -8.10
C MET B 244 -17.87 35.49 -7.94
N LYS B 245 -18.17 36.75 -8.25
CA LYS B 245 -19.51 37.29 -8.23
C LYS B 245 -19.62 38.28 -9.41
N GLU B 246 -20.71 38.12 -10.16
CA GLU B 246 -21.04 38.99 -11.29
C GLU B 246 -22.47 39.42 -11.17
N THR B 247 -22.77 40.56 -11.76
CA THR B 247 -24.10 41.14 -11.67
C THR B 247 -24.67 41.46 -13.02
N THR B 248 -25.73 40.75 -13.38
CA THR B 248 -26.42 40.98 -14.62
C THR B 248 -26.94 42.41 -14.70
N ILE B 249 -27.40 42.79 -15.88
CA ILE B 249 -27.94 44.11 -16.16
C ILE B 249 -29.22 44.30 -15.34
N ASP B 250 -29.82 43.18 -14.93
CA ASP B 250 -31.04 43.14 -14.08
C ASP B 250 -30.70 43.25 -12.59
N GLY B 251 -29.41 43.36 -12.27
CA GLY B 251 -28.98 43.45 -10.89
C GLY B 251 -28.74 42.09 -10.27
N GLU B 252 -29.10 41.04 -10.99
CA GLU B 252 -28.94 39.68 -10.47
C GLU B 252 -27.48 39.30 -10.22
N GLU B 253 -27.23 38.64 -9.10
CA GLU B 253 -25.87 38.22 -8.76
C GLU B 253 -25.56 36.79 -9.13
N LEU B 254 -24.46 36.63 -9.85
CA LEU B 254 -24.03 35.31 -10.28
C LEU B 254 -22.72 34.97 -9.54
N VAL B 255 -22.66 33.81 -8.89
CA VAL B 255 -21.41 33.39 -8.22
C VAL B 255 -20.69 32.22 -8.90
N LYS B 256 -19.36 32.26 -8.91
CA LYS B 256 -18.54 31.20 -9.49
C LYS B 256 -17.51 30.94 -8.43
N ILE B 257 -16.97 29.71 -8.38
CA ILE B 257 -15.88 29.37 -7.44
C ILE B 257 -14.91 28.44 -8.15
N GLY B 258 -13.70 28.89 -8.43
CA GLY B 258 -12.75 28.06 -9.12
C GLY B 258 -11.60 27.70 -8.20
N LYS B 259 -11.06 26.51 -8.39
CA LYS B 259 -9.94 26.07 -7.60
C LYS B 259 -8.92 25.38 -8.46
N LEU B 260 -7.71 25.90 -8.39
CA LEU B 260 -6.60 25.28 -9.11
C LEU B 260 -5.65 24.64 -8.10
N ASN B 261 -5.27 23.39 -8.39
CA ASN B 261 -4.31 22.70 -7.53
C ASN B 261 -3.06 22.49 -8.35
N LEU B 262 -1.92 22.97 -7.87
CA LEU B 262 -0.62 22.75 -8.53
C LEU B 262 0.16 21.81 -7.63
N VAL B 263 0.46 20.64 -8.15
CA VAL B 263 1.09 19.59 -7.35
C VAL B 263 2.46 19.28 -7.90
N ASP B 264 3.47 19.48 -7.07
CA ASP B 264 4.87 19.20 -7.39
C ASP B 264 5.07 17.92 -6.58
N LEU B 265 5.01 16.76 -7.26
CA LEU B 265 5.14 15.44 -6.62
C LEU B 265 6.57 15.00 -6.14
N ALA B 266 6.60 14.13 -5.12
CA ALA B 266 7.86 13.58 -4.59
C ALA B 266 8.52 12.94 -5.81
N GLY B 267 9.85 12.91 -5.84
CA GLY B 267 10.54 12.30 -6.96
C GLY B 267 10.09 10.85 -7.14
N SER B 268 9.78 10.53 -8.39
CA SER B 268 9.27 9.18 -8.77
C SER B 268 10.24 8.04 -8.59
N GLU B 269 11.50 8.35 -8.34
CA GLU B 269 12.49 7.27 -8.19
C GLU B 269 12.23 6.44 -6.92
N ASN B 270 12.42 5.14 -7.08
CA ASN B 270 12.17 4.15 -6.03
C ASN B 270 12.52 2.73 -6.47
N ASN B 286 12.26 2.78 3.50
CA ASN B 286 11.99 4.17 3.10
C ASN B 286 11.09 4.25 1.85
N ILE B 287 9.79 4.08 2.08
CA ILE B 287 8.78 4.04 1.00
C ILE B 287 7.84 5.24 1.06
N ASN B 288 7.39 5.66 -0.10
CA ASN B 288 6.42 6.76 -0.18
C ASN B 288 4.99 6.23 -0.44
N GLN B 289 4.23 6.03 0.63
CA GLN B 289 2.86 5.58 0.54
C GLN B 289 1.96 6.39 -0.40
N SER B 290 2.15 7.70 -0.47
CA SER B 290 1.30 8.49 -1.35
C SER B 290 1.71 8.29 -2.80
N LEU B 291 3.00 8.21 -3.05
CA LEU B 291 3.49 8.01 -4.42
C LEU B 291 3.04 6.63 -4.85
N LEU B 292 3.19 5.68 -3.95
CA LEU B 292 2.79 4.30 -4.22
C LEU B 292 1.29 4.25 -4.55
N THR B 293 0.51 4.90 -3.71
CA THR B 293 -0.93 4.83 -3.83
C THR B 293 -1.36 5.52 -5.08
N LEU B 294 -0.68 6.61 -5.42
CA LEU B 294 -1.01 7.33 -6.64
C LEU B 294 -0.98 6.42 -7.88
N GLY B 295 0.10 5.67 -8.06
CA GLY B 295 0.23 4.79 -9.19
C GLY B 295 -0.70 3.59 -9.14
N ARG B 296 -1.14 3.25 -7.94
CA ARG B 296 -2.09 2.14 -7.79
C ARG B 296 -3.49 2.64 -8.19
N VAL B 297 -3.76 3.91 -7.88
CA VAL B 297 -5.02 4.56 -8.21
C VAL B 297 -5.12 4.72 -9.73
N ILE B 298 -3.99 4.99 -10.36
CA ILE B 298 -3.99 5.17 -11.79
C ILE B 298 -4.25 3.81 -12.46
N THR B 299 -3.59 2.79 -11.95
CA THR B 299 -3.73 1.44 -12.46
C THR B 299 -5.16 1.00 -12.41
N ALA B 300 -5.74 1.10 -11.23
CA ALA B 300 -7.13 0.75 -11.02
C ALA B 300 -8.04 1.53 -11.95
N LEU B 301 -7.72 2.83 -12.14
CA LEU B 301 -8.53 3.71 -12.98
C LEU B 301 -8.47 3.33 -14.43
N VAL B 302 -7.26 3.11 -14.92
CA VAL B 302 -7.03 2.74 -16.32
C VAL B 302 -7.47 1.30 -16.69
N GLU B 303 -7.35 0.39 -15.74
CA GLU B 303 -7.71 -1.00 -15.95
C GLU B 303 -9.18 -1.21 -15.64
N ARG B 304 -9.87 -0.12 -15.40
CA ARG B 304 -11.30 -0.15 -15.13
C ARG B 304 -11.71 -1.09 -14.00
N THR B 305 -10.89 -1.14 -12.96
CA THR B 305 -11.22 -1.94 -11.78
C THR B 305 -12.28 -1.12 -11.02
N PRO B 306 -13.18 -1.81 -10.29
CA PRO B 306 -14.27 -1.14 -9.58
C PRO B 306 -13.79 -0.44 -8.33
N HIS B 307 -12.80 -1.06 -7.66
CA HIS B 307 -12.18 -0.49 -6.47
C HIS B 307 -10.94 0.36 -6.85
N VAL B 308 -10.91 1.60 -6.36
CA VAL B 308 -9.80 2.54 -6.60
C VAL B 308 -9.33 2.94 -5.21
N PRO B 309 -8.13 2.49 -4.81
CA PRO B 309 -7.60 2.65 -3.46
C PRO B 309 -7.25 4.09 -3.00
N TYR B 310 -8.17 5.05 -3.16
CA TYR B 310 -7.91 6.47 -2.77
C TYR B 310 -7.58 6.60 -1.32
N ARG B 311 -8.41 5.98 -0.48
CA ARG B 311 -8.21 6.03 0.96
C ARG B 311 -6.86 5.49 1.42
N GLU B 312 -6.17 4.74 0.55
CA GLU B 312 -4.89 4.15 0.97
C GLU B 312 -3.69 5.11 1.24
N SER B 313 -3.91 6.43 1.05
CA SER B 313 -2.90 7.49 1.26
C SER B 313 -3.58 8.87 1.38
N LYS B 314 -2.86 9.81 1.97
CA LYS B 314 -3.35 11.19 2.18
C LYS B 314 -3.43 11.94 0.87
N LEU B 315 -2.37 11.83 0.07
CA LEU B 315 -2.35 12.49 -1.23
C LEU B 315 -3.56 12.16 -2.09
N THR B 316 -3.86 10.88 -2.24
CA THR B 316 -4.97 10.39 -3.05
C THR B 316 -6.35 10.65 -2.49
N ARG B 317 -6.44 10.83 -1.19
CA ARG B 317 -7.69 11.19 -0.53
C ARG B 317 -7.88 12.71 -0.70
N ILE B 318 -6.78 13.44 -0.64
CA ILE B 318 -6.87 14.87 -0.82
C ILE B 318 -7.28 15.18 -2.28
N LEU B 319 -6.59 14.52 -3.23
CA LEU B 319 -6.79 14.77 -4.64
C LEU B 319 -7.69 13.80 -5.38
N GLN B 320 -8.42 12.98 -4.65
CA GLN B 320 -9.26 12.00 -5.28
C GLN B 320 -10.23 12.49 -6.38
N ASP B 321 -10.72 13.73 -6.27
CA ASP B 321 -11.63 14.23 -7.29
C ASP B 321 -10.87 14.48 -8.59
N SER B 322 -9.55 14.60 -8.47
CA SER B 322 -8.67 14.82 -9.62
C SER B 322 -8.31 13.50 -10.34
N LEU B 323 -8.83 12.37 -9.85
CA LEU B 323 -8.52 11.09 -10.50
C LEU B 323 -9.77 10.28 -10.87
N GLY B 324 -10.26 10.46 -12.09
CA GLY B 324 -11.51 9.81 -12.47
C GLY B 324 -12.65 10.43 -11.65
N GLY B 325 -12.50 11.73 -11.36
CA GLY B 325 -13.45 12.57 -10.63
C GLY B 325 -14.00 13.68 -11.54
N ARG B 326 -14.59 14.72 -10.96
CA ARG B 326 -15.17 15.81 -11.73
C ARG B 326 -14.22 17.00 -11.93
N THR B 327 -12.93 16.77 -11.77
CA THR B 327 -11.93 17.83 -11.88
C THR B 327 -11.15 17.63 -13.17
N ARG B 328 -10.85 18.74 -13.84
CA ARG B 328 -10.04 18.74 -15.06
C ARG B 328 -8.62 18.58 -14.57
N THR B 329 -7.92 17.62 -15.16
CA THR B 329 -6.59 17.34 -14.73
C THR B 329 -5.65 17.26 -15.90
N SER B 330 -4.44 17.72 -15.63
CA SER B 330 -3.33 17.64 -16.55
C SER B 330 -2.11 17.16 -15.76
N ILE B 331 -1.23 16.42 -16.42
CA ILE B 331 -0.02 15.92 -15.79
C ILE B 331 1.14 16.29 -16.69
N ILE B 332 2.13 16.97 -16.14
CA ILE B 332 3.37 17.28 -16.85
C ILE B 332 4.40 16.29 -16.34
N ALA B 333 4.83 15.39 -17.21
CA ALA B 333 5.84 14.35 -16.89
C ALA B 333 7.21 14.91 -17.26
N THR B 334 8.08 15.07 -16.28
CA THR B 334 9.38 15.64 -16.55
C THR B 334 10.40 14.56 -16.74
N ILE B 335 11.35 14.79 -17.65
CA ILE B 335 12.38 13.79 -17.94
C ILE B 335 13.76 14.44 -18.19
N SER B 336 14.81 13.63 -18.14
CA SER B 336 16.17 14.13 -18.39
C SER B 336 16.64 13.52 -19.68
N PRO B 337 17.49 14.25 -20.44
CA PRO B 337 18.03 13.75 -21.72
C PRO B 337 19.23 12.80 -21.58
N ALA B 338 19.85 12.75 -20.38
CA ALA B 338 21.03 11.91 -20.11
C ALA B 338 20.81 10.39 -20.18
N SER B 339 21.87 9.66 -20.48
CA SER B 339 21.81 8.20 -20.63
C SER B 339 21.85 7.42 -19.32
N LEU B 340 22.28 8.07 -18.25
CA LEU B 340 22.37 7.37 -16.99
C LEU B 340 21.03 7.32 -16.32
N ASN B 341 20.14 8.16 -16.81
CA ASN B 341 18.78 8.29 -16.33
C ASN B 341 17.80 7.46 -17.14
N LEU B 342 18.35 6.78 -18.14
CA LEU B 342 17.57 5.92 -19.02
C LEU B 342 16.37 5.22 -18.38
N GLU B 343 16.67 4.28 -17.48
CA GLU B 343 15.64 3.48 -16.84
C GLU B 343 14.52 4.29 -16.19
N GLU B 344 14.87 5.38 -15.54
CA GLU B 344 13.84 6.18 -14.90
C GLU B 344 13.00 6.98 -15.88
N THR B 345 13.63 7.31 -17.00
CA THR B 345 12.98 8.00 -18.10
C THR B 345 11.93 7.10 -18.71
N LEU B 346 12.26 5.82 -18.84
CA LEU B 346 11.31 4.84 -19.34
C LEU B 346 10.14 4.68 -18.37
N SER B 347 10.41 4.53 -17.07
CA SER B 347 9.32 4.39 -16.10
C SER B 347 8.42 5.60 -16.14
N THR B 348 9.01 6.79 -16.19
CA THR B 348 8.21 8.00 -16.28
C THR B 348 7.30 7.99 -17.55
N LEU B 349 7.94 7.84 -18.70
CA LEU B 349 7.21 7.76 -19.97
C LEU B 349 6.11 6.68 -19.93
N GLU B 350 6.46 5.46 -19.51
CA GLU B 350 5.54 4.33 -19.37
C GLU B 350 4.35 4.72 -18.46
N TYR B 351 4.70 5.23 -17.28
CA TYR B 351 3.75 5.73 -16.28
C TYR B 351 2.80 6.80 -16.76
N ALA B 352 3.36 7.82 -17.42
CA ALA B 352 2.59 8.94 -17.93
C ALA B 352 1.71 8.51 -19.11
N HIS B 353 2.24 7.60 -19.90
CA HIS B 353 1.53 7.16 -21.07
C HIS B 353 0.29 6.41 -20.64
N ARG B 354 0.40 5.61 -19.58
CA ARG B 354 -0.81 4.92 -19.13
C ARG B 354 -1.89 5.92 -18.72
N ALA B 355 -1.52 6.92 -17.90
CA ALA B 355 -2.45 7.91 -17.38
C ALA B 355 -3.27 8.64 -18.44
N LYS B 356 -2.84 8.59 -19.69
CA LYS B 356 -3.64 9.20 -20.75
C LYS B 356 -5.07 8.61 -20.72
N ASN B 357 -5.15 7.31 -20.46
CA ASN B 357 -6.43 6.58 -20.39
C ASN B 357 -7.37 6.82 -19.22
N ILE B 358 -7.00 7.75 -18.33
CA ILE B 358 -7.85 8.09 -17.21
C ILE B 358 -8.94 9.03 -17.77
N LEU B 359 -10.19 8.74 -17.39
CA LEU B 359 -11.37 9.50 -17.80
C LEU B 359 -11.86 10.36 -16.63
N ASN B 360 -11.99 11.68 -16.87
CA ASN B 360 -12.45 12.61 -15.83
C ASN B 360 -13.86 13.18 -16.13
N LYS B 361 -14.45 13.83 -15.14
CA LYS B 361 -15.81 14.41 -15.21
C LYS B 361 -16.92 13.44 -15.62
#